data_4TUH
#
_entry.id   4TUH
#
_cell.length_a   59.834
_cell.length_b   109.661
_cell.length_c   102.099
_cell.angle_alpha   90.00
_cell.angle_beta   91.77
_cell.angle_gamma   90.00
#
_symmetry.space_group_name_H-M   'P 1 21 1'
#
loop_
_entity.id
_entity.type
_entity.pdbx_description
1 polymer 'Bcl-2-like protein 1'
2 non-polymer '2-[8-(1,3-benzothiazol-2-ylcarbamoyl)-3,4-dihydroisoquinolin-2(1H)-yl]-5-{3-[4-(1H-pyrazolo[3,4-d]pyrimidin-1-yl)phenoxy]propyl}-1,3-thiazole-4-carboxylic acid'
3 non-polymer 1,2-ETHANEDIOL
4 non-polymer 'ACETATE ION'
5 water water
#
_entity_poly.entity_id   1
_entity_poly.type   'polypeptide(L)'
_entity_poly.pdbx_seq_one_letter_code
;GPLGSMSQSNRELVVDFLSYKLSQKGYSWSQMAAVKQALREAGDEFELRYRRAFSDLTSQLHITPGTAYQSFEQVVNELF
RDGVNWGRIVAFFSFGGALCVESVDKEMQVLVSRIAAWMATYLNDHLEPWIQENGGWDTFVELYGNNAAAESRKGQER
;
_entity_poly.pdbx_strand_id   A,B,C,D,E,F,G,H
#
# COMPACT_ATOMS: atom_id res chain seq x y z
N PRO A 2 -38.58 1.49 10.93
CA PRO A 2 -38.07 0.61 9.87
C PRO A 2 -38.37 -0.85 10.15
N LEU A 3 -38.70 -1.61 9.09
CA LEU A 3 -39.06 -3.02 9.23
C LEU A 3 -37.98 -3.90 9.88
N GLY A 4 -36.70 -3.62 9.64
CA GLY A 4 -35.70 -4.48 10.23
C GLY A 4 -35.04 -3.97 11.49
N SER A 5 -35.73 -3.11 12.22
CA SER A 5 -35.11 -2.45 13.37
C SER A 5 -35.08 -3.40 14.58
N MET A 6 -36.10 -4.24 14.69
CA MET A 6 -36.18 -5.19 15.80
C MET A 6 -35.17 -6.32 15.61
N SER A 7 -34.97 -6.76 14.36
CA SER A 7 -33.94 -7.75 14.09
C SER A 7 -32.58 -7.26 14.58
N GLN A 8 -32.26 -6.01 14.28
CA GLN A 8 -30.97 -5.47 14.64
C GLN A 8 -30.80 -5.32 16.15
N SER A 9 -31.84 -4.91 16.86
CA SER A 9 -31.66 -4.63 18.29
C SER A 9 -31.76 -5.89 19.14
N ASN A 10 -32.56 -6.85 18.71
CA ASN A 10 -32.63 -8.12 19.44
C ASN A 10 -31.34 -8.90 19.26
N ARG A 11 -30.80 -8.86 18.05
CA ARG A 11 -29.52 -9.51 17.77
C ARG A 11 -28.44 -8.88 18.66
N GLU A 12 -28.45 -7.55 18.69
CA GLU A 12 -27.48 -6.81 19.47
C GLU A 12 -27.53 -7.20 20.95
N LEU A 13 -28.75 -7.28 21.47
CA LEU A 13 -28.98 -7.61 22.87
C LEU A 13 -28.53 -9.03 23.24
N VAL A 14 -28.96 -9.99 22.44
CA VAL A 14 -28.62 -11.39 22.66
C VAL A 14 -27.13 -11.60 22.58
N VAL A 15 -26.52 -11.07 21.53
CA VAL A 15 -25.09 -11.27 21.34
C VAL A 15 -24.31 -10.60 22.47
N ASP A 16 -24.77 -9.43 22.91
CA ASP A 16 -24.08 -8.75 24.00
C ASP A 16 -24.14 -9.59 25.27
N PHE A 17 -25.32 -10.12 25.57
CA PHE A 17 -25.47 -10.87 26.81
C PHE A 17 -24.66 -12.17 26.76
N LEU A 18 -24.78 -12.90 25.66
CA LEU A 18 -24.04 -14.15 25.49
C LEU A 18 -22.54 -13.93 25.45
N SER A 19 -22.09 -12.88 24.75
CA SER A 19 -20.66 -12.55 24.71
C SER A 19 -20.14 -12.27 26.12
N TYR A 20 -20.94 -11.55 26.90
CA TYR A 20 -20.58 -11.22 28.28
C TYR A 20 -20.47 -12.49 29.13
N LYS A 21 -21.47 -13.35 29.05
CA LYS A 21 -21.45 -14.59 29.83
C LYS A 21 -20.31 -15.50 29.42
N LEU A 22 -20.02 -15.56 28.12
CA LEU A 22 -18.88 -16.36 27.68
C LEU A 22 -17.57 -15.82 28.25
N SER A 23 -17.43 -14.50 28.22
CA SER A 23 -16.16 -13.89 28.64
C SER A 23 -15.92 -14.10 30.13
N GLN A 24 -16.99 -14.18 30.91
CA GLN A 24 -16.88 -14.39 32.35
C GLN A 24 -16.27 -15.74 32.65
N LYS A 25 -16.41 -16.68 31.73
CA LYS A 25 -15.82 -18.01 31.92
C LYS A 25 -14.51 -18.14 31.13
N GLY A 26 -14.01 -17.01 30.64
CA GLY A 26 -12.77 -17.03 29.90
C GLY A 26 -12.92 -17.48 28.46
N TYR A 27 -14.16 -17.51 27.97
CA TYR A 27 -14.45 -17.88 26.59
C TYR A 27 -14.78 -16.63 25.79
N SER A 28 -14.90 -16.78 24.47
CA SER A 28 -15.21 -15.66 23.59
C SER A 28 -16.29 -16.04 22.58
N TRP A 29 -17.24 -15.13 22.37
CA TRP A 29 -18.22 -15.26 21.30
C TRP A 29 -17.55 -15.47 19.96
N SER A 30 -16.54 -14.66 19.69
CA SER A 30 -15.79 -14.73 18.44
C SER A 30 -14.35 -14.30 18.67
N GLN A 31 -13.46 -14.51 17.70
CA GLN A 31 -12.13 -13.99 17.90
C GLN A 31 -12.15 -12.46 17.90
N MET A 32 -13.06 -11.84 17.15
CA MET A 32 -13.16 -10.39 17.20
C MET A 32 -13.72 -9.91 18.55
N ALA A 33 -14.57 -10.72 19.18
CA ALA A 33 -15.11 -10.37 20.49
C ALA A 33 -13.96 -10.37 21.50
N ALA A 34 -13.04 -11.32 21.33
CA ALA A 34 -11.87 -11.42 22.19
C ALA A 34 -10.95 -10.20 22.05
N VAL A 35 -10.76 -9.72 20.81
CA VAL A 35 -9.95 -8.53 20.63
C VAL A 35 -10.63 -7.30 21.25
N LYS A 36 -11.92 -7.15 20.97
CA LYS A 36 -12.70 -6.03 21.52
C LYS A 36 -12.58 -6.02 23.02
N GLN A 37 -12.74 -7.19 23.65
CA GLN A 37 -12.69 -7.25 25.11
C GLN A 37 -11.30 -6.89 25.61
N ALA A 38 -10.27 -7.42 24.97
CA ALA A 38 -8.89 -7.13 25.42
C ALA A 38 -8.58 -5.63 25.29
N LEU A 39 -9.05 -5.03 24.21
CA LEU A 39 -8.81 -3.62 23.94
C LEU A 39 -9.58 -2.74 24.93
N ARG A 40 -10.84 -3.11 25.23
CA ARG A 40 -11.62 -2.41 26.24
C ARG A 40 -10.88 -2.41 27.57
N GLU A 41 -10.42 -3.59 27.99
CA GLU A 41 -9.75 -3.72 29.27
C GLU A 41 -8.43 -2.98 29.28
N ALA A 42 -7.71 -3.02 28.16
CA ALA A 42 -6.43 -2.32 28.06
C ALA A 42 -6.63 -0.81 28.12
N GLY A 43 -7.68 -0.32 27.46
CA GLY A 43 -8.04 1.08 27.56
C GLY A 43 -8.34 1.49 29.00
N ASP A 44 -9.13 0.68 29.69
CA ASP A 44 -9.40 0.92 31.11
C ASP A 44 -8.11 0.98 31.95
N GLU A 45 -7.23 0.02 31.73
CA GLU A 45 -5.99 -0.06 32.50
C GLU A 45 -5.09 1.12 32.16
N PHE A 46 -5.04 1.49 30.86
CA PHE A 46 -4.25 2.64 30.44
C PHE A 46 -4.74 3.91 31.13
N GLU A 47 -6.06 4.11 31.11
CA GLU A 47 -6.66 5.30 31.71
C GLU A 47 -6.48 5.32 33.25
N LEU A 48 -6.57 4.14 33.86
CA LEU A 48 -6.47 4.06 35.32
C LEU A 48 -5.07 4.29 35.84
N ARG A 49 -4.07 3.85 35.09
CA ARG A 49 -2.71 3.85 35.63
C ARG A 49 -1.66 4.58 34.85
N TYR A 50 -1.88 4.81 33.56
CA TYR A 50 -0.76 5.26 32.76
C TYR A 50 -0.99 6.59 32.05
N ARG A 51 -2.22 6.94 31.70
CA ARG A 51 -2.47 8.20 31.00
CA ARG A 51 -2.48 8.21 31.00
C ARG A 51 -1.78 9.39 31.69
N ARG A 52 -1.84 9.39 33.02
CA ARG A 52 -1.28 10.47 33.84
C ARG A 52 0.19 10.81 33.57
N ALA A 53 0.93 9.86 33.01
CA ALA A 53 2.36 10.05 32.79
C ALA A 53 2.67 10.88 31.55
N PHE A 54 1.69 11.05 30.67
CA PHE A 54 1.96 11.59 29.36
C PHE A 54 1.40 12.96 29.08
N SER A 55 1.96 13.63 28.08
CA SER A 55 1.40 14.89 27.62
C SER A 55 -0.04 14.67 27.19
N ASP A 56 -0.93 15.56 27.63
CA ASP A 56 -2.36 15.41 27.34
C ASP A 56 -2.67 15.72 25.86
N LEU A 57 -2.98 14.67 25.08
CA LEU A 57 -3.23 14.87 23.65
C LEU A 57 -4.49 15.68 23.38
N THR A 58 -5.44 15.68 24.33
CA THR A 58 -6.64 16.47 24.12
C THR A 58 -6.30 17.96 24.24
N SER A 59 -5.30 18.29 25.05
CA SER A 59 -4.84 19.67 25.12
C SER A 59 -4.13 20.07 23.83
N GLN A 60 -3.45 19.13 23.18
CA GLN A 60 -2.71 19.46 21.97
C GLN A 60 -3.67 19.65 20.77
N LEU A 61 -4.86 19.07 20.85
CA LEU A 61 -5.75 19.09 19.69
C LEU A 61 -6.76 20.21 19.88
N HIS A 62 -7.13 20.45 21.14
CA HIS A 62 -8.19 21.41 21.51
C HIS A 62 -9.28 21.41 20.44
N ILE A 63 -10.04 20.32 20.42
CA ILE A 63 -10.97 20.03 19.34
C ILE A 63 -12.13 21.05 19.35
N THR A 64 -12.51 21.51 18.16
CA THR A 64 -13.65 22.42 17.98
C THR A 64 -14.44 21.93 16.76
N PRO A 65 -15.60 22.55 16.48
CA PRO A 65 -16.31 22.15 15.26
C PRO A 65 -15.49 22.39 13.98
N GLY A 66 -14.43 23.20 14.06
CA GLY A 66 -13.59 23.47 12.91
C GLY A 66 -12.46 22.49 12.70
N THR A 67 -12.25 21.57 13.64
CA THR A 67 -11.15 20.62 13.54
C THR A 67 -11.35 19.57 12.43
N ALA A 68 -10.33 19.40 11.59
CA ALA A 68 -10.36 18.42 10.50
C ALA A 68 -9.33 17.34 10.76
N TYR A 69 -9.39 16.27 9.97
CA TYR A 69 -8.51 15.14 10.13
C TYR A 69 -7.03 15.54 10.22
N GLN A 70 -6.62 16.52 9.41
CA GLN A 70 -5.24 16.95 9.38
C GLN A 70 -4.72 17.25 10.78
N SER A 71 -5.53 17.93 11.57
CA SER A 71 -5.14 18.31 12.94
C SER A 71 -5.08 17.09 13.87
N PHE A 72 -6.08 16.22 13.76
CA PHE A 72 -6.08 14.99 14.53
C PHE A 72 -4.84 14.16 14.20
N GLU A 73 -4.56 14.03 12.91
CA GLU A 73 -3.43 13.24 12.43
C GLU A 73 -2.09 13.78 12.98
N GLN A 74 -1.92 15.10 12.98
CA GLN A 74 -0.67 15.70 13.47
C GLN A 74 -0.48 15.40 14.95
N VAL A 75 -1.57 15.47 15.70
CA VAL A 75 -1.49 15.23 17.16
C VAL A 75 -1.23 13.75 17.42
N VAL A 76 -1.89 12.88 16.68
CA VAL A 76 -1.66 11.44 16.84
C VAL A 76 -0.26 11.06 16.36
N ASN A 77 0.25 11.75 15.33
CA ASN A 77 1.61 11.49 14.88
C ASN A 77 2.61 11.74 16.01
N GLU A 78 2.26 12.69 16.89
CA GLU A 78 3.07 13.00 18.06
C GLU A 78 3.12 11.83 19.04
N LEU A 79 1.97 11.18 19.21
CA LEU A 79 1.88 9.96 20.04
C LEU A 79 2.85 8.89 19.53
N PHE A 80 2.95 8.78 18.20
CA PHE A 80 3.75 7.71 17.61
C PHE A 80 5.08 8.21 17.10
N ARG A 81 5.47 9.40 17.52
CA ARG A 81 6.72 10.04 17.07
C ARG A 81 7.93 9.12 17.23
N ASP A 82 8.00 8.38 18.34
CA ASP A 82 9.15 7.53 18.56
C ASP A 82 8.88 6.08 18.21
N GLY A 83 7.83 5.85 17.45
CA GLY A 83 7.50 4.52 16.98
C GLY A 83 6.18 4.01 17.52
N VAL A 84 5.68 2.96 16.89
CA VAL A 84 4.44 2.32 17.30
C VAL A 84 4.76 1.17 18.23
N ASN A 85 3.95 1.00 19.27
CA ASN A 85 3.91 -0.24 20.04
C ASN A 85 2.48 -0.44 20.53
N TRP A 86 2.18 -1.58 21.13
CA TRP A 86 0.78 -1.86 21.48
C TRP A 86 0.23 -0.87 22.48
N GLY A 87 1.08 -0.51 23.46
CA GLY A 87 0.67 0.45 24.47
C GLY A 87 0.26 1.78 23.85
N ARG A 88 0.99 2.23 22.82
CA ARG A 88 0.66 3.50 22.18
C ARG A 88 -0.61 3.36 21.34
N ILE A 89 -0.83 2.17 20.82
CA ILE A 89 -2.09 1.92 20.12
C ILE A 89 -3.27 1.98 21.09
N VAL A 90 -3.08 1.42 22.29
CA VAL A 90 -4.10 1.54 23.32
C VAL A 90 -4.33 3.02 23.65
N ALA A 91 -3.25 3.80 23.80
CA ALA A 91 -3.38 5.23 24.09
C ALA A 91 -4.17 5.98 23.00
N PHE A 92 -3.92 5.60 21.75
CA PHE A 92 -4.64 6.14 20.61
C PHE A 92 -6.15 5.91 20.73
N PHE A 93 -6.56 4.68 21.05
CA PHE A 93 -7.98 4.40 21.24
C PHE A 93 -8.54 5.20 22.41
N SER A 94 -7.81 5.23 23.52
N SER A 94 -7.79 5.22 23.52
CA SER A 94 -8.22 6.00 24.69
CA SER A 94 -8.22 5.98 24.69
C SER A 94 -8.39 7.47 24.34
C SER A 94 -8.37 7.47 24.36
N PHE A 95 -7.47 7.99 23.54
CA PHE A 95 -7.54 9.39 23.11
C PHE A 95 -8.81 9.68 22.31
N GLY A 96 -9.11 8.81 21.34
CA GLY A 96 -10.33 8.93 20.56
C GLY A 96 -11.56 8.88 21.46
N GLY A 97 -11.54 7.95 22.41
CA GLY A 97 -12.61 7.86 23.39
C GLY A 97 -12.77 9.15 24.16
N ALA A 98 -11.65 9.71 24.63
CA ALA A 98 -11.70 10.94 25.39
C ALA A 98 -12.24 12.09 24.56
N LEU A 99 -11.85 12.14 23.29
CA LEU A 99 -12.34 13.19 22.39
C LEU A 99 -13.85 13.12 22.24
N CYS A 100 -14.37 11.90 22.12
CA CYS A 100 -15.82 11.73 21.99
C CYS A 100 -16.56 12.17 23.23
N VAL A 101 -16.06 11.77 24.39
CA VAL A 101 -16.69 12.16 25.65
C VAL A 101 -16.66 13.68 25.79
N GLU A 102 -15.50 14.28 25.51
CA GLU A 102 -15.35 15.73 25.60
C GLU A 102 -16.34 16.45 24.68
N SER A 103 -16.48 15.93 23.47
CA SER A 103 -17.38 16.52 22.50
C SER A 103 -18.82 16.50 22.97
N VAL A 104 -19.27 15.36 23.51
CA VAL A 104 -20.64 15.26 23.97
C VAL A 104 -20.82 16.14 25.20
N ASP A 105 -19.85 16.13 26.10
CA ASP A 105 -19.86 17.04 27.25
C ASP A 105 -20.07 18.48 26.83
N LYS A 106 -19.42 18.89 25.74
CA LYS A 106 -19.46 20.28 25.29
C LYS A 106 -20.55 20.52 24.25
N GLU A 107 -21.49 19.59 24.20
CA GLU A 107 -22.66 19.67 23.33
C GLU A 107 -22.25 19.84 21.84
N MET A 108 -21.20 19.12 21.46
CA MET A 108 -20.77 19.06 20.07
C MET A 108 -20.87 17.61 19.61
N GLN A 109 -22.06 17.03 19.75
CA GLN A 109 -22.24 15.61 19.48
C GLN A 109 -21.94 15.20 18.05
N VAL A 110 -22.05 16.14 17.12
CA VAL A 110 -21.78 15.81 15.72
C VAL A 110 -20.33 15.37 15.53
N LEU A 111 -19.45 15.78 16.44
CA LEU A 111 -18.04 15.44 16.30
C LEU A 111 -17.75 13.96 16.55
N VAL A 112 -18.64 13.27 17.25
CA VAL A 112 -18.42 11.86 17.54
C VAL A 112 -18.28 11.07 16.22
N SER A 113 -19.17 11.34 15.27
CA SER A 113 -19.08 10.66 13.98
C SER A 113 -17.78 11.06 13.25
N ARG A 114 -17.38 12.32 13.38
CA ARG A 114 -16.16 12.79 12.73
C ARG A 114 -14.93 12.10 13.32
N ILE A 115 -14.89 12.03 14.64
CA ILE A 115 -13.78 11.36 15.33
C ILE A 115 -13.67 9.89 14.98
N ALA A 116 -14.81 9.19 14.92
CA ALA A 116 -14.79 7.78 14.57
C ALA A 116 -14.18 7.59 13.17
N ALA A 117 -14.58 8.45 12.26
CA ALA A 117 -14.06 8.40 10.89
C ALA A 117 -12.56 8.70 10.87
N TRP A 118 -12.13 9.67 11.67
CA TRP A 118 -10.70 9.94 11.80
C TRP A 118 -9.93 8.70 12.28
N MET A 119 -10.46 8.03 13.29
CA MET A 119 -9.74 6.90 13.86
C MET A 119 -9.57 5.77 12.87
N ALA A 120 -10.63 5.46 12.12
CA ALA A 120 -10.57 4.39 11.14
C ALA A 120 -9.55 4.73 10.05
N THR A 121 -9.58 5.97 9.57
CA THR A 121 -8.62 6.40 8.54
C THR A 121 -7.19 6.35 9.08
N TYR A 122 -7.00 6.82 10.30
CA TYR A 122 -5.65 6.77 10.86
C TYR A 122 -5.16 5.32 11.02
N LEU A 123 -6.03 4.44 11.53
CA LEU A 123 -5.71 3.02 11.64
C LEU A 123 -5.30 2.48 10.27
N ASN A 124 -6.13 2.76 9.26
CA ASN A 124 -5.88 2.21 7.94
C ASN A 124 -4.56 2.67 7.38
N ASP A 125 -4.33 3.99 7.49
CA ASP A 125 -3.26 4.63 6.74
C ASP A 125 -1.92 4.51 7.46
N HIS A 126 -1.98 4.53 8.79
CA HIS A 126 -0.77 4.70 9.60
C HIS A 126 -0.43 3.50 10.49
N LEU A 127 -1.42 2.71 10.87
CA LEU A 127 -1.19 1.67 11.87
C LEU A 127 -1.30 0.26 11.36
N GLU A 128 -2.10 0.03 10.31
CA GLU A 128 -2.28 -1.34 9.86
C GLU A 128 -0.96 -2.00 9.45
N PRO A 129 -0.02 -1.29 8.79
CA PRO A 129 1.22 -2.01 8.48
C PRO A 129 1.92 -2.53 9.74
N TRP A 130 1.97 -1.71 10.78
CA TRP A 130 2.62 -2.12 12.02
C TRP A 130 1.87 -3.29 12.67
N ILE A 131 0.55 -3.20 12.71
CA ILE A 131 -0.25 -4.22 13.38
C ILE A 131 -0.01 -5.55 12.70
N GLN A 132 -0.01 -5.54 11.36
CA GLN A 132 0.21 -6.77 10.65
C GLN A 132 1.64 -7.30 10.81
N GLU A 133 2.60 -6.40 10.85
CA GLU A 133 4.00 -6.82 10.96
C GLU A 133 4.30 -7.36 12.34
N ASN A 134 3.52 -6.94 13.31
CA ASN A 134 3.83 -7.30 14.67
C ASN A 134 2.87 -8.30 15.26
N GLY A 135 2.29 -9.11 14.38
CA GLY A 135 1.57 -10.29 14.81
C GLY A 135 0.05 -10.18 14.83
N GLY A 136 -0.47 -9.03 14.43
CA GLY A 136 -1.91 -8.82 14.33
C GLY A 136 -2.59 -8.70 15.67
N TRP A 137 -3.90 -8.48 15.64
CA TRP A 137 -4.65 -8.30 16.89
C TRP A 137 -4.67 -9.56 17.74
N ASP A 138 -4.49 -10.73 17.12
CA ASP A 138 -4.43 -11.96 17.89
C ASP A 138 -3.25 -11.93 18.85
N THR A 139 -2.15 -11.31 18.43
CA THR A 139 -0.97 -11.19 19.27
C THR A 139 -1.22 -10.17 20.38
N PHE A 140 -1.92 -9.09 20.06
CA PHE A 140 -2.35 -8.15 21.10
C PHE A 140 -3.15 -8.86 22.19
N VAL A 141 -4.08 -9.72 21.78
CA VAL A 141 -4.88 -10.45 22.77
C VAL A 141 -4.00 -11.34 23.64
N GLU A 142 -3.00 -11.98 23.03
CA GLU A 142 -2.12 -12.85 23.79
C GLU A 142 -1.33 -12.06 24.82
N LEU A 143 -1.00 -10.81 24.48
CA LEU A 143 -0.18 -9.98 25.35
C LEU A 143 -0.98 -9.16 26.37
N TYR A 144 -2.19 -8.73 26.01
CA TYR A 144 -2.96 -7.78 26.81
C TYR A 144 -4.26 -8.36 27.36
N GLY A 145 -4.60 -9.56 26.92
CA GLY A 145 -5.81 -10.21 27.36
C GLY A 145 -5.63 -10.88 28.71
N GLY B 1 -1.74 -9.90 5.45
CA GLY B 1 -2.50 -9.82 4.22
C GLY B 1 -2.24 -8.47 3.60
N PRO B 2 -2.65 -8.27 2.34
CA PRO B 2 -2.37 -7.00 1.69
C PRO B 2 -2.97 -5.86 2.48
N LEU B 3 -2.29 -4.72 2.49
CA LEU B 3 -2.79 -3.56 3.19
C LEU B 3 -4.16 -3.25 2.65
N GLY B 4 -5.09 -3.08 3.58
CA GLY B 4 -6.46 -2.83 3.24
C GLY B 4 -7.29 -3.97 3.81
N SER B 5 -6.63 -5.06 4.14
N SER B 5 -6.67 -5.12 4.04
CA SER B 5 -7.32 -6.29 4.51
CA SER B 5 -7.43 -6.29 4.48
C SER B 5 -7.91 -6.10 5.89
C SER B 5 -7.89 -6.17 5.93
N MET B 6 -7.19 -5.35 6.71
CA MET B 6 -7.57 -5.13 8.10
C MET B 6 -8.60 -4.02 8.35
N SER B 7 -8.99 -3.30 7.29
CA SER B 7 -9.87 -2.15 7.48
C SER B 7 -11.18 -2.45 8.23
N GLN B 8 -11.87 -3.51 7.81
CA GLN B 8 -13.18 -3.77 8.39
C GLN B 8 -13.06 -4.12 9.86
N SER B 9 -12.05 -4.90 10.21
CA SER B 9 -11.81 -5.29 11.62
CA SER B 9 -11.89 -5.29 11.62
C SER B 9 -11.45 -4.08 12.46
N ASN B 10 -10.57 -3.24 11.92
CA ASN B 10 -10.15 -2.06 12.67
C ASN B 10 -11.31 -1.08 12.90
N ARG B 11 -12.18 -0.98 11.92
CA ARG B 11 -13.37 -0.15 12.05
C ARG B 11 -14.29 -0.66 13.16
N GLU B 12 -14.47 -1.97 13.22
CA GLU B 12 -15.26 -2.58 14.28
C GLU B 12 -14.67 -2.24 15.65
N LEU B 13 -13.34 -2.24 15.74
CA LEU B 13 -12.66 -1.94 17.00
C LEU B 13 -12.96 -0.51 17.40
N VAL B 14 -12.90 0.40 16.43
CA VAL B 14 -13.20 1.79 16.72
C VAL B 14 -14.61 1.94 17.26
N VAL B 15 -15.58 1.36 16.56
CA VAL B 15 -16.97 1.53 16.97
C VAL B 15 -17.20 0.88 18.33
N ASP B 16 -16.63 -0.29 18.55
CA ASP B 16 -16.82 -0.95 19.84
C ASP B 16 -16.20 -0.15 21.00
N PHE B 17 -14.98 0.31 20.77
CA PHE B 17 -14.24 1.00 21.83
C PHE B 17 -14.91 2.33 22.20
N LEU B 18 -15.28 3.10 21.18
CA LEU B 18 -15.94 4.38 21.45
C LEU B 18 -17.28 4.16 22.13
N SER B 19 -18.02 3.14 21.72
CA SER B 19 -19.31 2.86 22.35
C SER B 19 -19.11 2.54 23.84
N TYR B 20 -18.07 1.78 24.14
CA TYR B 20 -17.74 1.39 25.51
C TYR B 20 -17.39 2.61 26.38
N LYS B 21 -16.49 3.45 25.87
CA LYS B 21 -16.06 4.63 26.58
C LYS B 21 -17.18 5.63 26.78
N LEU B 22 -18.04 5.79 25.77
CA LEU B 22 -19.19 6.65 25.91
C LEU B 22 -20.13 6.12 27.01
N SER B 23 -20.35 4.81 27.01
CA SER B 23 -21.29 4.20 27.95
C SER B 23 -20.84 4.36 29.39
N GLN B 24 -19.52 4.36 29.59
CA GLN B 24 -18.92 4.53 30.92
C GLN B 24 -19.22 5.91 31.48
N LYS B 25 -19.44 6.88 30.59
CA LYS B 25 -19.78 8.23 31.00
C LYS B 25 -21.27 8.50 30.89
N GLY B 26 -22.04 7.43 30.73
CA GLY B 26 -23.48 7.55 30.69
C GLY B 26 -24.03 7.98 29.33
N TYR B 27 -23.23 7.89 28.28
CA TYR B 27 -23.72 8.23 26.96
C TYR B 27 -24.01 6.97 26.14
N SER B 28 -24.85 7.09 25.11
CA SER B 28 -25.25 5.88 24.41
C SER B 28 -24.96 5.95 22.92
N TRP B 29 -23.96 5.19 22.50
CA TRP B 29 -23.65 4.98 21.09
C TRP B 29 -24.86 4.34 20.42
N SER B 30 -25.41 3.32 21.10
CA SER B 30 -26.53 2.59 20.56
C SER B 30 -27.77 2.82 21.41
N GLN B 31 -28.94 2.64 20.83
CA GLN B 31 -30.17 2.85 21.57
C GLN B 31 -30.31 1.80 22.68
N MET B 32 -29.80 0.61 22.39
CA MET B 32 -29.83 -0.50 23.33
C MET B 32 -28.76 -0.41 24.45
N ALA B 33 -28.07 0.71 24.57
CA ALA B 33 -26.96 0.77 25.53
C ALA B 33 -27.37 0.56 26.99
N ALA B 34 -28.44 1.22 27.43
CA ALA B 34 -28.92 1.07 28.80
C ALA B 34 -29.45 -0.33 29.06
N VAL B 35 -30.16 -0.87 28.07
CA VAL B 35 -30.75 -2.20 28.20
C VAL B 35 -29.70 -3.28 28.35
N LYS B 36 -28.67 -3.23 27.52
CA LYS B 36 -27.58 -4.20 27.61
C LYS B 36 -26.95 -4.26 29.00
N GLN B 37 -26.65 -3.09 29.52
CA GLN B 37 -25.96 -2.99 30.82
C GLN B 37 -26.87 -3.48 31.93
N ALA B 38 -28.13 -3.08 31.88
CA ALA B 38 -29.10 -3.50 32.88
C ALA B 38 -29.28 -5.01 32.83
N LEU B 39 -29.31 -5.56 31.63
CA LEU B 39 -29.52 -7.00 31.48
C LEU B 39 -28.29 -7.78 31.96
N ARG B 40 -27.10 -7.30 31.65
CA ARG B 40 -25.86 -7.90 32.15
C ARG B 40 -25.87 -7.98 33.68
N GLU B 41 -26.20 -6.86 34.31
CA GLU B 41 -26.19 -6.77 35.76
C GLU B 41 -27.26 -7.68 36.37
N ALA B 42 -28.42 -7.74 35.72
CA ALA B 42 -29.52 -8.58 36.20
C ALA B 42 -29.19 -10.07 36.09
N GLY B 43 -28.57 -10.44 34.97
CA GLY B 43 -28.11 -11.80 34.75
C GLY B 43 -27.15 -12.20 35.86
N ASP B 44 -26.19 -11.31 36.17
CA ASP B 44 -25.24 -11.56 37.27
C ASP B 44 -25.96 -11.78 38.61
N GLU B 45 -26.93 -10.94 38.90
CA GLU B 45 -27.65 -11.03 40.17
C GLU B 45 -28.49 -12.30 40.24
N PHE B 46 -29.12 -12.65 39.12
CA PHE B 46 -29.91 -13.89 39.08
C PHE B 46 -29.05 -15.11 39.37
N GLU B 47 -27.91 -15.16 38.69
CA GLU B 47 -27.01 -16.31 38.81
C GLU B 47 -26.41 -16.37 40.21
N LEU B 48 -26.12 -15.22 40.79
CA LEU B 48 -25.49 -15.19 42.10
C LEU B 48 -26.45 -15.57 43.22
N ARG B 49 -27.72 -15.19 43.12
CA ARG B 49 -28.58 -15.37 44.30
C ARG B 49 -29.86 -16.18 44.06
N TYR B 50 -30.30 -16.33 42.82
CA TYR B 50 -31.63 -16.90 42.62
C TYR B 50 -31.66 -18.20 41.82
N ARG B 51 -30.73 -18.39 40.89
CA ARG B 51 -30.70 -19.57 40.01
C ARG B 51 -30.80 -20.86 40.84
N ARG B 52 -30.09 -20.88 41.96
CA ARG B 52 -30.03 -22.04 42.84
C ARG B 52 -31.39 -22.58 43.29
N ALA B 53 -32.41 -21.74 43.26
CA ALA B 53 -33.72 -22.15 43.77
C ALA B 53 -34.50 -23.00 42.77
N PHE B 54 -34.06 -22.95 41.54
CA PHE B 54 -34.92 -23.47 40.47
C PHE B 54 -34.43 -24.76 39.83
N SER B 55 -35.34 -25.46 39.17
CA SER B 55 -34.98 -26.63 38.38
C SER B 55 -33.95 -26.19 37.32
N ASP B 56 -32.88 -26.97 37.21
CA ASP B 56 -31.81 -26.66 36.28
C ASP B 56 -32.24 -26.93 34.85
N LEU B 57 -32.49 -25.87 34.10
CA LEU B 57 -32.98 -26.04 32.72
C LEU B 57 -31.91 -26.64 31.80
N THR B 58 -30.63 -26.51 32.13
CA THR B 58 -29.60 -27.12 31.28
C THR B 58 -29.66 -28.65 31.38
N SER B 59 -30.11 -29.15 32.54
CA SER B 59 -30.32 -30.58 32.69
C SER B 59 -31.54 -31.04 31.91
N GLN B 60 -32.54 -30.18 31.79
CA GLN B 60 -33.74 -30.58 31.07
C GLN B 60 -33.51 -30.59 29.56
N LEU B 61 -32.52 -29.83 29.10
CA LEU B 61 -32.31 -29.74 27.66
C LEU B 61 -31.24 -30.73 27.25
N HIS B 62 -30.26 -30.92 28.13
CA HIS B 62 -29.07 -31.73 27.89
C HIS B 62 -28.66 -31.58 26.42
N ILE B 63 -28.15 -30.39 26.13
CA ILE B 63 -27.93 -29.95 24.76
C ILE B 63 -26.82 -30.76 24.10
N THR B 64 -27.04 -31.14 22.86
CA THR B 64 -26.06 -31.88 22.04
C THR B 64 -26.04 -31.25 20.64
N PRO B 65 -25.12 -31.66 19.76
CA PRO B 65 -25.16 -31.10 18.40
C PRO B 65 -26.45 -31.42 17.66
N GLY B 66 -27.21 -32.39 18.15
CA GLY B 66 -28.44 -32.78 17.51
C GLY B 66 -29.63 -31.98 17.99
N THR B 67 -29.40 -31.13 19.01
CA THR B 67 -30.51 -30.36 19.55
C THR B 67 -31.01 -29.32 18.55
N ALA B 68 -32.33 -29.30 18.36
CA ALA B 68 -32.96 -28.34 17.48
C ALA B 68 -33.85 -27.43 18.30
N TYR B 69 -34.32 -26.35 17.66
CA TYR B 69 -35.10 -25.32 18.35
C TYR B 69 -36.26 -25.90 19.17
N GLN B 70 -36.92 -26.93 18.63
CA GLN B 70 -38.07 -27.51 19.29
C GLN B 70 -37.80 -27.92 20.74
N SER B 71 -36.64 -28.53 20.98
CA SER B 71 -36.29 -28.98 22.32
C SER B 71 -36.04 -27.77 23.21
N PHE B 72 -35.34 -26.78 22.67
CA PHE B 72 -35.09 -25.53 23.38
C PHE B 72 -36.40 -24.85 23.76
N GLU B 73 -37.32 -24.74 22.81
CA GLU B 73 -38.59 -24.10 23.09
C GLU B 73 -39.37 -24.83 24.21
N GLN B 74 -39.32 -26.16 24.20
CA GLN B 74 -40.06 -26.96 25.17
C GLN B 74 -39.54 -26.65 26.58
N VAL B 75 -38.23 -26.55 26.68
CA VAL B 75 -37.60 -26.28 27.97
C VAL B 75 -37.83 -24.84 28.43
N VAL B 76 -37.72 -23.89 27.52
CA VAL B 76 -37.96 -22.50 27.88
C VAL B 76 -39.43 -22.27 28.26
N ASN B 77 -40.34 -22.97 27.60
CA ASN B 77 -41.78 -22.88 27.92
C ASN B 77 -42.07 -23.29 29.35
N GLU B 78 -41.21 -24.15 29.88
CA GLU B 78 -41.29 -24.61 31.25
C GLU B 78 -41.02 -23.44 32.20
N LEU B 79 -40.06 -22.61 31.83
CA LEU B 79 -39.73 -21.38 32.53
C LEU B 79 -40.93 -20.42 32.64
N PHE B 80 -41.71 -20.32 31.56
CA PHE B 80 -42.80 -19.34 31.48
C PHE B 80 -44.15 -20.00 31.59
N ARG B 81 -44.16 -21.24 32.05
CA ARG B 81 -45.37 -22.05 32.16
C ARG B 81 -46.46 -21.33 32.95
N ASP B 82 -46.07 -20.63 34.01
CA ASP B 82 -47.01 -19.94 34.87
C ASP B 82 -47.10 -18.43 34.61
N GLY B 83 -46.63 -18.02 33.44
CA GLY B 83 -46.70 -16.63 33.01
C GLY B 83 -45.36 -15.95 32.85
N VAL B 84 -45.38 -14.80 32.18
CA VAL B 84 -44.16 -14.02 31.96
C VAL B 84 -44.02 -12.92 33.02
N ASN B 85 -42.79 -12.73 33.50
CA ASN B 85 -42.43 -11.51 34.20
C ASN B 85 -40.96 -11.20 33.91
N TRP B 86 -40.47 -10.05 34.36
CA TRP B 86 -39.11 -9.63 33.99
C TRP B 86 -38.05 -10.57 34.55
N GLY B 87 -38.27 -11.06 35.77
CA GLY B 87 -37.34 -11.96 36.42
C GLY B 87 -37.14 -13.24 35.61
N ARG B 88 -38.22 -13.76 35.05
CA ARG B 88 -38.15 -14.99 34.26
C ARG B 88 -37.49 -14.72 32.92
N ILE B 89 -37.66 -13.50 32.41
CA ILE B 89 -36.96 -13.11 31.18
C ILE B 89 -35.44 -13.04 31.47
N VAL B 90 -35.08 -12.49 32.62
CA VAL B 90 -33.67 -12.51 33.00
C VAL B 90 -33.18 -13.96 33.09
N ALA B 91 -33.99 -14.83 33.72
CA ALA B 91 -33.65 -16.24 33.80
C ALA B 91 -33.47 -16.86 32.40
N PHE B 92 -34.31 -16.48 31.45
CA PHE B 92 -34.19 -16.92 30.06
C PHE B 92 -32.82 -16.56 29.46
N PHE B 93 -32.40 -15.31 29.65
CA PHE B 93 -31.10 -14.89 29.13
C PHE B 93 -29.97 -15.65 29.83
N SER B 94 -30.08 -15.76 31.14
N SER B 94 -30.07 -15.75 31.15
CA SER B 94 -29.09 -16.49 31.93
CA SER B 94 -29.09 -16.49 31.92
C SER B 94 -28.99 -17.93 31.45
C SER B 94 -28.99 -17.94 31.44
N PHE B 95 -30.14 -18.54 31.15
CA PHE B 95 -30.19 -19.89 30.62
C PHE B 95 -29.46 -19.98 29.25
N GLY B 96 -29.73 -19.05 28.36
CA GLY B 96 -29.00 -18.99 27.11
C GLY B 96 -27.49 -18.86 27.31
N GLY B 97 -27.09 -18.01 28.25
CA GLY B 97 -25.67 -17.85 28.56
C GLY B 97 -25.05 -19.14 29.04
N ALA B 98 -25.75 -19.83 29.94
CA ALA B 98 -25.24 -21.07 30.50
C ALA B 98 -25.13 -22.15 29.43
N LEU B 99 -26.09 -22.19 28.49
CA LEU B 99 -26.02 -23.15 27.39
C LEU B 99 -24.79 -22.89 26.52
N CYS B 100 -24.48 -21.63 26.29
CA CYS B 100 -23.32 -21.30 25.48
C CYS B 100 -22.03 -21.76 26.15
N VAL B 101 -21.93 -21.49 27.44
CA VAL B 101 -20.76 -21.89 28.22
C VAL B 101 -20.60 -23.42 28.18
N GLU B 102 -21.70 -24.13 28.42
CA GLU B 102 -21.71 -25.59 28.40
C GLU B 102 -21.29 -26.15 27.04
N SER B 103 -21.77 -25.51 25.97
CA SER B 103 -21.44 -25.93 24.62
C SER B 103 -19.93 -25.84 24.37
N VAL B 104 -19.32 -24.75 24.82
CA VAL B 104 -17.89 -24.58 24.66
C VAL B 104 -17.14 -25.58 25.52
N ASP B 105 -17.60 -25.77 26.76
CA ASP B 105 -17.05 -26.78 27.66
C ASP B 105 -16.98 -28.15 27.02
N LYS B 106 -18.05 -28.52 26.34
CA LYS B 106 -18.16 -29.87 25.77
C LYS B 106 -17.72 -29.94 24.31
N GLU B 107 -16.95 -28.94 23.87
CA GLU B 107 -16.42 -28.88 22.51
C GLU B 107 -17.50 -28.96 21.44
N MET B 108 -18.61 -28.28 21.69
CA MET B 108 -19.70 -28.15 20.72
C MET B 108 -19.93 -26.67 20.44
N GLN B 109 -18.86 -25.97 20.07
CA GLN B 109 -18.88 -24.51 19.95
C GLN B 109 -19.88 -24.06 18.87
N VAL B 110 -20.20 -24.96 17.96
CA VAL B 110 -21.16 -24.69 16.90
C VAL B 110 -22.55 -24.34 17.46
N LEU B 111 -22.83 -24.79 18.68
CA LEU B 111 -24.14 -24.54 19.25
C LEU B 111 -24.32 -23.09 19.69
N VAL B 112 -23.21 -22.37 19.91
CA VAL B 112 -23.33 -21.00 20.40
C VAL B 112 -24.13 -20.13 19.44
N SER B 113 -23.80 -20.21 18.16
CA SER B 113 -24.53 -19.43 17.16
C SER B 113 -25.99 -19.89 17.08
N ARG B 114 -26.19 -21.18 17.24
CA ARG B 114 -27.53 -21.77 17.18
C ARG B 114 -28.38 -21.27 18.35
N ILE B 115 -27.79 -21.25 19.53
CA ILE B 115 -28.48 -20.78 20.73
C ILE B 115 -28.88 -19.32 20.58
N ALA B 116 -27.98 -18.51 20.04
CA ALA B 116 -28.28 -17.09 19.85
C ALA B 116 -29.50 -16.94 18.96
N ALA B 117 -29.55 -17.72 17.89
CA ALA B 117 -30.70 -17.68 16.97
C ALA B 117 -32.00 -18.18 17.63
N TRP B 118 -31.90 -19.23 18.42
CA TRP B 118 -33.06 -19.74 19.18
C TRP B 118 -33.60 -18.68 20.12
N MET B 119 -32.71 -17.99 20.80
CA MET B 119 -33.14 -16.96 21.73
C MET B 119 -33.87 -15.84 20.97
N ALA B 120 -33.35 -15.44 19.81
CA ALA B 120 -34.02 -14.41 19.02
C ALA B 120 -35.41 -14.86 18.59
N THR B 121 -35.49 -16.11 18.15
CA THR B 121 -36.74 -16.70 17.71
C THR B 121 -37.75 -16.77 18.86
N TYR B 122 -37.28 -17.22 20.02
CA TYR B 122 -38.17 -17.32 21.18
C TYR B 122 -38.65 -15.94 21.63
N LEU B 123 -37.72 -15.00 21.69
CA LEU B 123 -38.01 -13.61 22.02
C LEU B 123 -39.10 -13.06 21.09
N ASN B 124 -38.91 -13.21 19.78
CA ASN B 124 -39.89 -12.75 18.81
C ASN B 124 -41.24 -13.45 18.90
N ASP B 125 -41.21 -14.77 19.09
CA ASP B 125 -42.45 -15.55 19.03
C ASP B 125 -43.28 -15.42 20.30
N HIS B 126 -42.61 -15.37 21.44
CA HIS B 126 -43.30 -15.57 22.72
C HIS B 126 -43.20 -14.42 23.73
N LEU B 127 -42.16 -13.61 23.64
CA LEU B 127 -41.93 -12.65 24.72
C LEU B 127 -42.16 -11.23 24.26
N GLU B 128 -41.90 -10.95 22.98
CA GLU B 128 -42.00 -9.59 22.50
C GLU B 128 -43.40 -8.99 22.67
N PRO B 129 -44.47 -9.77 22.46
CA PRO B 129 -45.78 -9.16 22.72
C PRO B 129 -45.94 -8.73 24.18
N TRP B 130 -45.51 -9.59 25.11
CA TRP B 130 -45.57 -9.26 26.54
C TRP B 130 -44.70 -8.05 26.88
N ILE B 131 -43.49 -8.01 26.34
CA ILE B 131 -42.57 -6.91 26.64
C ILE B 131 -43.18 -5.56 26.23
N GLN B 132 -43.81 -5.53 25.07
CA GLN B 132 -44.37 -4.29 24.54
C GLN B 132 -45.56 -3.81 25.36
N GLU B 133 -46.34 -4.74 25.88
CA GLU B 133 -47.50 -4.37 26.71
C GLU B 133 -47.09 -4.03 28.15
N ASN B 134 -45.88 -4.40 28.53
CA ASN B 134 -45.44 -4.15 29.91
C ASN B 134 -44.36 -3.06 29.97
N GLY B 135 -44.38 -2.16 28.99
CA GLY B 135 -43.59 -0.95 29.05
C GLY B 135 -42.30 -1.00 28.26
N GLY B 136 -42.03 -2.13 27.61
CA GLY B 136 -40.84 -2.28 26.79
C GLY B 136 -39.58 -2.40 27.63
N TRP B 137 -38.44 -2.54 26.96
CA TRP B 137 -37.16 -2.70 27.64
C TRP B 137 -36.75 -1.47 28.45
N ASP B 138 -37.28 -0.30 28.08
CA ASP B 138 -37.04 0.91 28.86
C ASP B 138 -37.57 0.75 30.27
N THR B 139 -38.69 0.04 30.39
CA THR B 139 -39.29 -0.19 31.69
C THR B 139 -38.46 -1.22 32.46
N PHE B 140 -37.92 -2.20 31.76
CA PHE B 140 -36.99 -3.13 32.39
C PHE B 140 -35.81 -2.39 33.00
N VAL B 141 -35.25 -1.44 32.25
CA VAL B 141 -34.08 -0.70 32.71
C VAL B 141 -34.36 0.10 33.99
N GLU B 142 -35.50 0.77 34.04
CA GLU B 142 -35.84 1.53 35.23
C GLU B 142 -36.09 0.62 36.44
N LEU B 143 -36.58 -0.60 36.20
CA LEU B 143 -36.87 -1.54 37.29
C LEU B 143 -35.64 -2.34 37.74
N TYR B 144 -34.77 -2.67 36.80
CA TYR B 144 -33.66 -3.57 37.10
C TYR B 144 -32.29 -2.91 37.00
N GLY B 145 -32.26 -1.69 36.50
CA GLY B 145 -31.01 -0.94 36.40
C GLY B 145 -30.67 -0.31 37.75
N SER C 5 32.46 -4.14 -10.54
CA SER C 5 33.31 -4.71 -11.58
C SER C 5 32.49 -4.95 -12.84
N MET C 6 32.40 -6.22 -13.24
CA MET C 6 31.55 -6.57 -14.37
C MET C 6 30.10 -6.55 -13.91
N SER C 7 29.89 -6.85 -12.64
CA SER C 7 28.54 -6.82 -12.06
C SER C 7 27.88 -5.49 -12.37
N GLN C 8 28.59 -4.40 -12.14
CA GLN C 8 28.04 -3.09 -12.43
C GLN C 8 27.96 -2.95 -13.96
N SER C 9 28.89 -3.59 -14.67
CA SER C 9 28.98 -3.43 -16.12
C SER C 9 27.91 -4.23 -16.88
N ASN C 10 27.65 -5.46 -16.45
CA ASN C 10 26.59 -6.22 -17.07
C ASN C 10 25.24 -5.60 -16.73
N ARG C 11 25.12 -5.05 -15.52
CA ARG C 11 23.92 -4.32 -15.13
C ARG C 11 23.65 -3.12 -16.05
N GLU C 12 24.67 -2.30 -16.27
CA GLU C 12 24.52 -1.16 -17.16
C GLU C 12 24.11 -1.60 -18.56
N LEU C 13 24.72 -2.70 -19.03
CA LEU C 13 24.47 -3.20 -20.37
C LEU C 13 23.02 -3.70 -20.53
N VAL C 14 22.55 -4.50 -19.57
CA VAL C 14 21.18 -4.99 -19.61
C VAL C 14 20.20 -3.83 -19.60
N VAL C 15 20.41 -2.89 -18.68
CA VAL C 15 19.50 -1.76 -18.57
C VAL C 15 19.52 -0.90 -19.82
N ASP C 16 20.71 -0.68 -20.37
CA ASP C 16 20.81 0.15 -21.55
C ASP C 16 20.06 -0.50 -22.72
N PHE C 17 20.29 -1.79 -22.92
CA PHE C 17 19.69 -2.50 -24.03
C PHE C 17 18.17 -2.60 -23.89
N LEU C 18 17.69 -2.96 -22.70
CA LEU C 18 16.26 -3.05 -22.50
C LEU C 18 15.60 -1.68 -22.67
N SER C 19 16.27 -0.61 -22.21
CA SER C 19 15.73 0.74 -22.41
C SER C 19 15.60 1.05 -23.88
N TYR C 20 16.61 0.67 -24.65
CA TYR C 20 16.60 0.91 -26.08
C TYR C 20 15.45 0.17 -26.75
N LYS C 21 15.31 -1.11 -26.47
CA LYS C 21 14.24 -1.92 -27.07
C LYS C 21 12.84 -1.45 -26.66
N LEU C 22 12.68 -1.06 -25.39
CA LEU C 22 11.41 -0.48 -24.96
C LEU C 22 11.14 0.83 -25.71
N SER C 23 12.16 1.68 -25.85
CA SER C 23 11.96 2.96 -26.48
C SER C 23 11.57 2.84 -27.96
N GLN C 24 12.09 1.81 -28.62
CA GLN C 24 11.76 1.59 -30.03
C GLN C 24 10.29 1.32 -30.24
N LYS C 25 9.63 0.80 -29.20
CA LYS C 25 8.21 0.51 -29.30
C LYS C 25 7.38 1.59 -28.65
N GLY C 26 8.00 2.72 -28.31
CA GLY C 26 7.28 3.84 -27.74
C GLY C 26 7.02 3.68 -26.25
N TYR C 27 7.72 2.72 -25.66
CA TYR C 27 7.66 2.47 -24.21
C TYR C 27 8.91 3.04 -23.56
N SER C 28 8.92 3.11 -22.23
CA SER C 28 10.08 3.65 -21.53
C SER C 28 10.46 2.78 -20.33
N TRP C 29 11.76 2.49 -20.19
CA TRP C 29 12.28 1.83 -18.99
C TRP C 29 11.95 2.61 -17.71
N SER C 30 12.22 3.91 -17.77
CA SER C 30 11.96 4.81 -16.64
C SER C 30 11.65 6.21 -17.14
N GLN C 31 11.24 7.10 -16.24
CA GLN C 31 11.02 8.49 -16.60
C GLN C 31 12.34 9.10 -17.07
N MET C 32 13.44 8.68 -16.45
CA MET C 32 14.73 9.21 -16.84
C MET C 32 15.08 8.69 -18.23
N ALA C 33 14.72 7.44 -18.52
CA ALA C 33 15.00 6.89 -19.82
C ALA C 33 14.19 7.65 -20.89
N ALA C 34 12.94 8.02 -20.55
CA ALA C 34 12.10 8.77 -21.48
C ALA C 34 12.67 10.15 -21.77
N VAL C 35 13.15 10.84 -20.74
CA VAL C 35 13.76 12.16 -20.94
C VAL C 35 15.05 12.06 -21.75
N LYS C 36 15.89 11.10 -21.42
CA LYS C 36 17.13 10.91 -22.20
C LYS C 36 16.82 10.72 -23.68
N GLN C 37 15.86 9.85 -23.98
CA GLN C 37 15.55 9.57 -25.38
C GLN C 37 14.99 10.77 -26.10
N ALA C 38 14.07 11.49 -25.46
CA ALA C 38 13.49 12.68 -26.08
C ALA C 38 14.59 13.71 -26.36
N LEU C 39 15.53 13.82 -25.44
CA LEU C 39 16.59 14.80 -25.57
C LEU C 39 17.54 14.43 -26.71
N ARG C 40 17.86 13.14 -26.82
CA ARG C 40 18.66 12.64 -27.95
C ARG C 40 18.02 13.01 -29.27
N GLU C 41 16.73 12.75 -29.39
CA GLU C 41 15.98 12.99 -30.62
C GLU C 41 15.88 14.48 -30.93
N ALA C 42 15.74 15.28 -29.87
CA ALA C 42 15.66 16.73 -30.02
C ALA C 42 17.00 17.30 -30.50
N GLY C 43 18.11 16.78 -29.95
CA GLY C 43 19.44 17.17 -30.38
C GLY C 43 19.64 16.88 -31.86
N ASP C 44 19.24 15.68 -32.28
CA ASP C 44 19.32 15.33 -33.72
C ASP C 44 18.55 16.28 -34.60
N GLU C 45 17.31 16.55 -34.18
CA GLU C 45 16.41 17.38 -34.96
C GLU C 45 16.93 18.81 -35.03
N PHE C 46 17.43 19.31 -33.91
CA PHE C 46 18.02 20.64 -33.88
C PHE C 46 19.22 20.76 -34.82
N GLU C 47 20.12 19.79 -34.73
CA GLU C 47 21.35 19.83 -35.50
C GLU C 47 21.11 19.64 -36.99
N LEU C 48 20.20 18.74 -37.31
CA LEU C 48 19.95 18.44 -38.72
C LEU C 48 19.15 19.54 -39.40
N ARG C 49 18.28 20.22 -38.65
CA ARG C 49 17.31 21.12 -39.28
C ARG C 49 17.27 22.58 -38.80
N TYR C 50 17.82 22.89 -37.62
CA TYR C 50 17.65 24.23 -37.05
C TYR C 50 18.94 24.98 -36.73
N ARG C 51 19.98 24.25 -36.35
CA ARG C 51 21.25 24.83 -35.94
C ARG C 51 21.82 25.81 -36.97
N ARG C 52 21.76 25.44 -38.25
CA ARG C 52 22.30 26.24 -39.34
C ARG C 52 21.73 27.67 -39.39
N ALA C 53 20.57 27.86 -38.80
CA ALA C 53 19.88 29.16 -38.81
C ALA C 53 20.49 30.13 -37.79
N PHE C 54 21.27 29.60 -36.85
CA PHE C 54 21.79 30.40 -35.73
C PHE C 54 23.29 30.59 -35.81
N SER C 55 23.79 31.59 -35.09
CA SER C 55 25.22 31.82 -34.96
C SER C 55 25.94 30.59 -34.40
N ASP C 56 27.02 30.20 -35.05
CA ASP C 56 27.82 29.05 -34.63
C ASP C 56 28.64 29.39 -33.38
N LEU C 57 28.20 28.94 -32.20
CA LEU C 57 28.90 29.28 -30.97
C LEU C 57 30.26 28.63 -30.84
N THR C 58 30.49 27.54 -31.59
CA THR C 58 31.79 26.88 -31.54
C THR C 58 32.86 27.82 -32.09
N SER C 59 32.44 28.78 -32.91
CA SER C 59 33.36 29.81 -33.42
C SER C 59 33.78 30.77 -32.30
N GLN C 60 32.88 31.00 -31.34
CA GLN C 60 33.20 31.88 -30.21
C GLN C 60 33.98 31.17 -29.11
N LEU C 61 33.91 29.84 -29.06
CA LEU C 61 34.53 29.10 -27.97
C LEU C 61 35.37 27.92 -28.46
N HIS C 62 36.64 27.93 -28.08
CA HIS C 62 37.61 26.91 -28.48
C HIS C 62 38.32 26.33 -27.26
N ILE C 63 37.69 25.37 -26.61
CA ILE C 63 38.18 24.88 -25.32
C ILE C 63 39.54 24.19 -25.49
N THR C 64 40.44 24.52 -24.56
CA THR C 64 41.78 23.94 -24.51
C THR C 64 41.98 23.56 -23.04
N PRO C 65 43.09 22.86 -22.71
CA PRO C 65 43.18 22.47 -21.29
C PRO C 65 43.20 23.61 -20.28
N GLY C 66 43.53 24.83 -20.71
CA GLY C 66 43.56 25.97 -19.83
C GLY C 66 42.28 26.77 -19.75
N THR C 67 41.31 26.44 -20.60
CA THR C 67 40.06 27.19 -20.66
C THR C 67 39.32 27.08 -19.35
N ALA C 68 38.80 28.20 -18.85
CA ALA C 68 38.10 28.14 -17.57
C ALA C 68 36.59 28.20 -17.79
N TYR C 69 35.86 27.79 -16.75
CA TYR C 69 34.39 27.71 -16.78
C TYR C 69 33.70 28.99 -17.20
N GLN C 70 34.20 30.12 -16.68
CA GLN C 70 33.63 31.43 -16.97
C GLN C 70 33.53 31.70 -18.46
N SER C 71 34.54 31.23 -19.20
CA SER C 71 34.55 31.42 -20.65
C SER C 71 33.42 30.63 -21.29
N PHE C 72 33.21 29.40 -20.80
CA PHE C 72 32.08 28.59 -21.23
C PHE C 72 30.75 29.25 -20.92
N GLU C 73 30.59 29.70 -19.67
CA GLU C 73 29.36 30.35 -19.23
C GLU C 73 29.03 31.59 -20.05
N GLN C 74 30.05 32.40 -20.33
CA GLN C 74 29.83 33.65 -21.07
C GLN C 74 29.31 33.38 -22.47
N VAL C 75 29.84 32.35 -23.12
CA VAL C 75 29.40 32.00 -24.48
C VAL C 75 27.99 31.38 -24.46
N VAL C 76 27.73 30.50 -23.50
CA VAL C 76 26.41 29.87 -23.39
C VAL C 76 25.35 30.92 -23.03
N ASN C 77 25.76 31.98 -22.32
CA ASN C 77 24.85 33.07 -21.99
C ASN C 77 24.21 33.72 -23.22
N GLU C 78 24.92 33.68 -24.35
CA GLU C 78 24.40 34.25 -25.60
C GLU C 78 23.17 33.46 -26.08
N LEU C 79 23.17 32.15 -25.86
CA LEU C 79 22.03 31.30 -26.16
C LEU C 79 20.74 31.78 -25.50
N PHE C 80 20.87 32.22 -24.27
CA PHE C 80 19.71 32.52 -23.44
C PHE C 80 19.46 34.01 -23.24
N ARG C 81 20.05 34.86 -24.09
CA ARG C 81 19.87 36.31 -24.01
C ARG C 81 18.43 36.78 -23.95
N ASP C 82 17.57 36.15 -24.73
CA ASP C 82 16.18 36.56 -24.81
C ASP C 82 15.30 35.66 -23.95
N GLY C 83 15.94 34.93 -23.05
CA GLY C 83 15.19 34.08 -22.15
C GLY C 83 15.46 32.61 -22.38
N VAL C 84 14.96 31.79 -21.46
CA VAL C 84 15.08 30.35 -21.57
C VAL C 84 13.82 29.80 -22.22
N ASN C 85 13.98 28.84 -23.12
CA ASN C 85 12.87 28.00 -23.58
C ASN C 85 13.41 26.62 -23.91
N TRP C 86 12.54 25.67 -24.23
CA TRP C 86 12.97 24.28 -24.42
C TRP C 86 13.92 24.14 -25.62
N GLY C 87 13.63 24.89 -26.69
CA GLY C 87 14.45 24.84 -27.88
C GLY C 87 15.88 25.27 -27.59
N ARG C 88 16.02 26.32 -26.79
CA ARG C 88 17.32 26.84 -26.44
C ARG C 88 18.05 25.89 -25.50
N ILE C 89 17.28 25.17 -24.70
CA ILE C 89 17.87 24.15 -23.84
C ILE C 89 18.42 22.99 -24.67
N VAL C 90 17.68 22.62 -25.71
CA VAL C 90 18.15 21.63 -26.68
C VAL C 90 19.43 22.11 -27.38
N ALA C 91 19.40 23.37 -27.82
CA ALA C 91 20.56 23.96 -28.48
C ALA C 91 21.78 23.93 -27.55
N PHE C 92 21.53 24.18 -26.27
CA PHE C 92 22.56 24.09 -25.23
C PHE C 92 23.17 22.69 -25.19
N PHE C 93 22.34 21.66 -25.16
CA PHE C 93 22.86 20.30 -25.14
C PHE C 93 23.65 20.01 -26.42
N SER C 94 23.09 20.37 -27.56
N SER C 94 23.07 20.38 -27.56
CA SER C 94 23.77 20.17 -28.84
CA SER C 94 23.73 20.23 -28.86
C SER C 94 25.10 20.90 -28.88
C SER C 94 25.09 20.91 -28.89
N PHE C 95 25.13 22.11 -28.32
CA PHE C 95 26.36 22.90 -28.28
C PHE C 95 27.43 22.14 -27.51
N GLY C 96 27.05 21.63 -26.33
CA GLY C 96 27.94 20.82 -25.52
C GLY C 96 28.43 19.60 -26.29
N GLY C 97 27.53 18.96 -27.03
CA GLY C 97 27.91 17.86 -27.88
C GLY C 97 28.98 18.22 -28.90
N ALA C 98 28.82 19.36 -29.56
CA ALA C 98 29.78 19.81 -30.57
C ALA C 98 31.15 20.10 -29.96
N LEU C 99 31.13 20.68 -28.76
CA LEU C 99 32.36 20.99 -28.03
C LEU C 99 33.14 19.72 -27.71
N CYS C 100 32.40 18.68 -27.32
CA CYS C 100 33.01 17.38 -27.03
C CYS C 100 33.58 16.73 -28.29
N VAL C 101 32.82 16.74 -29.38
CA VAL C 101 33.28 16.18 -30.64
C VAL C 101 34.55 16.90 -31.08
N GLU C 102 34.54 18.23 -31.03
CA GLU C 102 35.71 19.03 -31.40
C GLU C 102 36.93 18.70 -30.53
N SER C 103 36.70 18.52 -29.24
CA SER C 103 37.76 18.20 -28.29
C SER C 103 38.44 16.90 -28.67
N VAL C 104 37.63 15.90 -29.02
CA VAL C 104 38.16 14.60 -29.43
C VAL C 104 38.87 14.73 -30.77
N ASP C 105 38.28 15.51 -31.68
CA ASP C 105 38.92 15.84 -32.96
C ASP C 105 40.33 16.36 -32.76
N LYS C 106 40.50 17.20 -31.74
CA LYS C 106 41.78 17.85 -31.46
C LYS C 106 42.65 17.09 -30.47
N GLU C 107 42.37 15.81 -30.31
CA GLU C 107 43.11 14.90 -29.43
C GLU C 107 43.20 15.43 -28.00
N MET C 108 42.12 16.05 -27.53
CA MET C 108 42.00 16.49 -26.15
C MET C 108 40.77 15.84 -25.52
N GLN C 109 40.75 14.51 -25.52
CA GLN C 109 39.59 13.74 -25.06
C GLN C 109 39.33 13.98 -23.56
N VAL C 110 40.38 14.38 -22.83
CA VAL C 110 40.27 14.60 -21.38
C VAL C 110 39.28 15.73 -21.07
N LEU C 111 39.10 16.62 -22.04
CA LEU C 111 38.23 17.79 -21.89
C LEU C 111 36.75 17.42 -21.91
N VAL C 112 36.43 16.24 -22.42
CA VAL C 112 35.04 15.83 -22.53
C VAL C 112 34.38 15.78 -21.14
N SER C 113 35.06 15.19 -20.16
CA SER C 113 34.50 15.12 -18.81
C SER C 113 34.34 16.51 -18.19
N ARG C 114 35.27 17.41 -18.51
CA ARG C 114 35.16 18.78 -18.02
C ARG C 114 33.94 19.50 -18.59
N ILE C 115 33.71 19.36 -19.89
CA ILE C 115 32.57 19.98 -20.55
C ILE C 115 31.28 19.45 -19.92
N ALA C 116 31.25 18.15 -19.63
CA ALA C 116 30.06 17.55 -19.02
C ALA C 116 29.74 18.18 -17.68
N ALA C 117 30.76 18.38 -16.85
CA ALA C 117 30.57 18.99 -15.55
C ALA C 117 30.16 20.46 -15.69
N TRP C 118 30.79 21.18 -16.61
CA TRP C 118 30.39 22.56 -16.88
C TRP C 118 28.92 22.61 -17.30
N MET C 119 28.50 21.68 -18.14
CA MET C 119 27.11 21.69 -18.59
C MET C 119 26.14 21.46 -17.44
N ALA C 120 26.46 20.50 -16.57
CA ALA C 120 25.61 20.20 -15.42
C ALA C 120 25.51 21.41 -14.50
N THR C 121 26.63 22.07 -14.27
CA THR C 121 26.61 23.26 -13.44
C THR C 121 25.78 24.37 -14.07
N TYR C 122 25.96 24.60 -15.37
CA TYR C 122 25.19 25.66 -16.02
C TYR C 122 23.70 25.31 -15.99
N LEU C 123 23.38 24.05 -16.26
CA LEU C 123 22.01 23.56 -16.19
C LEU C 123 21.33 23.85 -14.85
N ASN C 124 21.98 23.43 -13.77
CA ASN C 124 21.44 23.64 -12.44
C ASN C 124 21.36 25.10 -12.01
N ASP C 125 22.35 25.91 -12.39
CA ASP C 125 22.38 27.30 -11.94
C ASP C 125 21.38 28.15 -12.70
N HIS C 126 21.25 27.91 -13.99
CA HIS C 126 20.58 28.87 -14.86
C HIS C 126 19.34 28.35 -15.58
N LEU C 127 19.21 27.04 -15.74
CA LEU C 127 18.14 26.52 -16.57
C LEU C 127 17.10 25.76 -15.76
N GLU C 128 17.53 25.11 -14.68
CA GLU C 128 16.61 24.31 -13.89
C GLU C 128 15.48 25.13 -13.22
N PRO C 129 15.76 26.36 -12.75
CA PRO C 129 14.63 27.13 -12.20
C PRO C 129 13.50 27.34 -13.21
N TRP C 130 13.84 27.66 -14.46
CA TRP C 130 12.85 27.81 -15.51
C TRP C 130 12.15 26.49 -15.79
N ILE C 131 12.93 25.42 -15.88
CA ILE C 131 12.40 24.10 -16.18
C ILE C 131 11.35 23.65 -15.17
N GLN C 132 11.65 23.83 -13.88
CA GLN C 132 10.74 23.38 -12.84
C GLN C 132 9.47 24.23 -12.79
N GLU C 133 9.62 25.52 -13.11
CA GLU C 133 8.49 26.43 -13.12
C GLU C 133 7.68 26.26 -14.42
N ASN C 134 8.29 25.64 -15.43
CA ASN C 134 7.63 25.49 -16.73
C ASN C 134 7.23 24.06 -17.07
N GLY C 135 6.93 23.27 -16.04
CA GLY C 135 6.34 21.94 -16.22
C GLY C 135 7.32 20.79 -16.09
N GLY C 136 8.59 21.10 -15.87
CA GLY C 136 9.60 20.08 -15.66
C GLY C 136 9.96 19.29 -16.90
N TRP C 137 10.87 18.33 -16.75
CA TRP C 137 11.33 17.51 -17.86
C TRP C 137 10.21 16.63 -18.44
N ASP C 138 9.21 16.30 -17.63
CA ASP C 138 8.05 15.54 -18.11
C ASP C 138 7.32 16.31 -19.20
N THR C 139 7.27 17.63 -19.04
CA THR C 139 6.63 18.48 -20.04
C THR C 139 7.52 18.54 -21.29
N PHE C 140 8.83 18.56 -21.11
CA PHE C 140 9.73 18.48 -22.25
C PHE C 140 9.46 17.21 -23.03
N VAL C 141 9.27 16.10 -22.33
CA VAL C 141 9.02 14.83 -23.00
C VAL C 141 7.70 14.85 -23.80
N GLU C 142 6.64 15.40 -23.23
CA GLU C 142 5.39 15.42 -24.02
C GLU C 142 5.51 16.36 -25.22
N LEU C 143 6.33 17.40 -25.13
CA LEU C 143 6.42 18.37 -26.21
C LEU C 143 7.39 17.96 -27.32
N TYR C 144 8.48 17.30 -26.95
CA TYR C 144 9.56 17.00 -27.90
C TYR C 144 9.76 15.50 -28.09
N GLY C 145 9.11 14.69 -27.27
CA GLY C 145 9.24 13.26 -27.35
C GLY C 145 8.53 12.58 -28.51
N ASN C 146 8.81 11.30 -28.72
CA ASN C 146 8.30 10.50 -29.84
C ASN C 146 7.57 9.25 -29.33
N MET D 6 15.94 13.80 -10.33
CA MET D 6 15.46 14.74 -11.34
C MET D 6 16.56 15.75 -11.68
N SER D 7 16.49 16.92 -11.05
CA SER D 7 17.56 17.91 -11.09
C SER D 7 18.83 17.23 -10.58
N GLN D 8 18.66 16.37 -9.57
CA GLN D 8 19.78 15.66 -8.96
C GLN D 8 20.43 14.73 -10.01
N SER D 9 19.62 14.20 -10.93
CA SER D 9 20.15 13.34 -12.00
C SER D 9 20.50 14.09 -13.31
N ASN D 10 20.67 15.40 -13.25
CA ASN D 10 20.96 16.19 -14.44
C ASN D 10 22.27 15.84 -15.13
N ARG D 11 23.28 15.48 -14.35
CA ARG D 11 24.55 15.05 -14.93
C ARG D 11 24.33 13.87 -15.86
N GLU D 12 23.57 12.89 -15.38
CA GLU D 12 23.28 11.67 -16.13
C GLU D 12 22.59 11.98 -17.45
N LEU D 13 21.72 12.99 -17.45
CA LEU D 13 21.08 13.45 -18.68
C LEU D 13 22.18 14.00 -19.60
N VAL D 14 23.05 14.84 -19.06
CA VAL D 14 24.16 15.40 -19.83
C VAL D 14 25.04 14.29 -20.40
N VAL D 15 25.40 13.34 -19.53
CA VAL D 15 26.30 12.26 -19.92
C VAL D 15 25.69 11.37 -20.99
N ASP D 16 24.39 11.10 -20.86
CA ASP D 16 23.72 10.28 -21.86
C ASP D 16 23.77 10.97 -23.21
N PHE D 17 23.45 12.26 -23.21
CA PHE D 17 23.40 13.02 -24.46
C PHE D 17 24.76 13.13 -25.14
N LEU D 18 25.79 13.44 -24.35
CA LEU D 18 27.14 13.56 -24.87
C LEU D 18 27.66 12.21 -25.42
N SER D 19 27.33 11.13 -24.72
CA SER D 19 27.72 9.81 -25.17
C SER D 19 27.13 9.53 -26.54
N TYR D 20 25.88 9.93 -26.71
CA TYR D 20 25.15 9.73 -27.96
C TYR D 20 25.79 10.54 -29.10
N LYS D 21 26.05 11.82 -28.85
CA LYS D 21 26.64 12.69 -29.87
C LYS D 21 28.05 12.24 -30.25
N LEU D 22 28.83 11.79 -29.26
CA LEU D 22 30.17 11.29 -29.54
C LEU D 22 30.09 10.05 -30.43
N SER D 23 29.15 9.17 -30.12
CA SER D 23 29.05 7.90 -30.87
C SER D 23 28.69 8.16 -32.32
N GLN D 24 27.92 9.22 -32.58
CA GLN D 24 27.50 9.54 -33.94
C GLN D 24 28.68 9.90 -34.84
N LYS D 25 29.75 10.40 -34.22
CA LYS D 25 30.95 10.77 -34.97
C LYS D 25 32.02 9.67 -34.86
N GLY D 26 31.62 8.52 -34.34
CA GLY D 26 32.52 7.39 -34.20
C GLY D 26 33.42 7.46 -32.98
N TYR D 27 33.07 8.34 -32.05
CA TYR D 27 33.80 8.50 -30.78
C TYR D 27 33.02 7.82 -29.65
N SER D 28 33.63 7.72 -28.49
CA SER D 28 33.00 7.08 -27.33
C SER D 28 33.21 7.87 -26.05
N TRP D 29 32.14 8.10 -25.29
CA TRP D 29 32.30 8.68 -23.95
C TRP D 29 33.20 7.86 -23.03
N SER D 30 32.99 6.54 -22.97
CA SER D 30 33.76 5.60 -22.16
C SER D 30 33.83 4.30 -22.97
N GLN D 31 34.66 3.30 -22.62
CA GLN D 31 34.52 2.10 -23.43
C GLN D 31 33.16 1.44 -23.13
N MET D 32 32.62 1.62 -21.92
CA MET D 32 31.34 1.00 -21.63
C MET D 32 30.25 1.59 -22.54
N ALA D 33 30.40 2.87 -22.90
CA ALA D 33 29.47 3.50 -23.83
C ALA D 33 29.61 2.86 -25.21
N ALA D 34 30.84 2.51 -25.56
CA ALA D 34 31.12 1.86 -26.83
C ALA D 34 30.45 0.48 -26.89
N VAL D 35 30.53 -0.27 -25.79
CA VAL D 35 29.90 -1.59 -25.76
C VAL D 35 28.38 -1.46 -25.89
N LYS D 36 27.80 -0.53 -25.15
CA LYS D 36 26.34 -0.31 -25.18
C LYS D 36 25.84 -0.04 -26.57
N GLN D 37 26.51 0.87 -27.26
CA GLN D 37 26.10 1.27 -28.60
C GLN D 37 26.30 0.09 -29.57
N ALA D 38 27.42 -0.62 -29.42
CA ALA D 38 27.66 -1.76 -30.30
C ALA D 38 26.58 -2.83 -30.10
N LEU D 39 26.17 -3.05 -28.86
CA LEU D 39 25.15 -4.07 -28.59
C LEU D 39 23.78 -3.67 -29.13
N ARG D 40 23.43 -2.38 -28.99
CA ARG D 40 22.19 -1.86 -29.55
C ARG D 40 22.13 -2.13 -31.06
N GLU D 41 23.21 -1.79 -31.74
CA GLU D 41 23.27 -1.94 -33.19
C GLU D 41 23.22 -3.42 -33.58
N ALA D 42 23.90 -4.25 -32.79
CA ALA D 42 23.90 -5.68 -33.07
C ALA D 42 22.51 -6.28 -32.87
N GLY D 43 21.81 -5.83 -31.84
CA GLY D 43 20.44 -6.25 -31.60
C GLY D 43 19.54 -5.91 -32.78
N ASP D 44 19.65 -4.69 -33.29
CA ASP D 44 18.87 -4.28 -34.46
C ASP D 44 19.15 -5.16 -35.67
N GLU D 45 20.43 -5.43 -35.90
CA GLU D 45 20.88 -6.20 -37.06
C GLU D 45 20.36 -7.64 -36.91
N PHE D 46 20.42 -8.16 -35.69
CA PHE D 46 19.89 -9.49 -35.43
C PHE D 46 18.41 -9.57 -35.77
N GLU D 47 17.65 -8.58 -35.32
CA GLU D 47 16.21 -8.57 -35.55
C GLU D 47 15.86 -8.37 -37.02
N LEU D 48 16.62 -7.53 -37.70
CA LEU D 48 16.36 -7.25 -39.11
C LEU D 48 16.72 -8.39 -40.05
N ARG D 49 17.71 -9.20 -39.64
CA ARG D 49 18.25 -10.19 -40.56
C ARG D 49 18.26 -11.65 -40.19
N TYR D 50 18.26 -11.96 -38.91
CA TYR D 50 18.56 -13.33 -38.51
C TYR D 50 17.50 -13.96 -37.64
N ARG D 51 16.83 -13.12 -36.83
CA ARG D 51 15.92 -13.64 -35.81
C ARG D 51 14.90 -14.64 -36.35
N ARG D 52 14.33 -14.31 -37.51
CA ARG D 52 13.26 -15.13 -38.10
C ARG D 52 13.68 -16.56 -38.37
N ALA D 53 14.98 -16.80 -38.44
CA ALA D 53 15.50 -18.13 -38.79
C ALA D 53 15.41 -19.11 -37.62
N PHE D 54 15.22 -18.59 -36.41
CA PHE D 54 15.28 -19.40 -35.21
C PHE D 54 13.92 -19.53 -34.52
N SER D 55 13.78 -20.56 -33.69
CA SER D 55 12.59 -20.73 -32.85
C SER D 55 12.30 -19.49 -32.01
N ASP D 56 11.05 -19.07 -31.99
CA ASP D 56 10.63 -17.90 -31.18
C ASP D 56 10.63 -18.27 -29.70
N LEU D 57 11.63 -17.80 -28.98
CA LEU D 57 11.76 -18.16 -27.57
C LEU D 57 10.64 -17.55 -26.72
N THR D 58 10.02 -16.47 -27.19
CA THR D 58 8.93 -15.87 -26.42
C THR D 58 7.73 -16.81 -26.41
N SER D 59 7.61 -17.62 -27.47
CA SER D 59 6.58 -18.64 -27.54
C SER D 59 6.88 -19.80 -26.59
N GLN D 60 8.18 -20.06 -26.37
CA GLN D 60 8.58 -21.13 -25.48
C GLN D 60 8.43 -20.72 -24.02
N LEU D 61 8.40 -19.41 -23.75
CA LEU D 61 8.38 -18.97 -22.36
C LEU D 61 6.96 -18.56 -21.96
N HIS D 62 6.21 -18.02 -22.92
CA HIS D 62 4.85 -17.49 -22.71
C HIS D 62 4.71 -16.86 -21.33
N ILE D 63 5.33 -15.70 -21.18
CA ILE D 63 5.52 -15.08 -19.88
C ILE D 63 4.20 -14.59 -19.29
N THR D 64 4.04 -14.83 -17.98
CA THR D 64 2.89 -14.40 -17.20
C THR D 64 3.44 -13.88 -15.87
N PRO D 65 2.59 -13.27 -15.01
CA PRO D 65 3.06 -12.86 -13.67
C PRO D 65 3.57 -14.02 -12.81
N GLY D 66 3.24 -15.25 -13.20
CA GLY D 66 3.68 -16.40 -12.43
C GLY D 66 5.05 -16.91 -12.87
N THR D 67 5.59 -16.33 -13.95
CA THR D 67 6.86 -16.81 -14.47
C THR D 67 8.02 -16.45 -13.56
N ALA D 68 8.84 -17.45 -13.23
CA ALA D 68 10.01 -17.26 -12.38
C ALA D 68 11.28 -17.56 -13.15
N TYR D 69 12.42 -17.21 -12.56
CA TYR D 69 13.71 -17.39 -13.20
C TYR D 69 13.90 -18.80 -13.75
N GLN D 70 13.42 -19.80 -13.01
CA GLN D 70 13.61 -21.19 -13.44
C GLN D 70 13.15 -21.38 -14.89
N SER D 71 12.01 -20.81 -15.24
CA SER D 71 11.48 -20.97 -16.60
C SER D 71 12.30 -20.20 -17.63
N PHE D 72 12.66 -18.97 -17.29
CA PHE D 72 13.49 -18.17 -18.20
C PHE D 72 14.79 -18.90 -18.49
N GLU D 73 15.43 -19.41 -17.44
CA GLU D 73 16.70 -20.11 -17.60
C GLU D 73 16.56 -21.35 -18.50
N GLN D 74 15.49 -22.12 -18.31
CA GLN D 74 15.32 -23.34 -19.09
C GLN D 74 15.17 -22.99 -20.58
N VAL D 75 14.43 -21.92 -20.85
CA VAL D 75 14.20 -21.49 -22.24
C VAL D 75 15.48 -20.94 -22.86
N VAL D 76 16.21 -20.13 -22.11
CA VAL D 76 17.47 -19.55 -22.64
C VAL D 76 18.54 -20.63 -22.81
N ASN D 77 18.50 -21.66 -21.98
CA ASN D 77 19.43 -22.78 -22.14
C ASN D 77 19.36 -23.40 -23.53
N GLU D 78 18.18 -23.35 -24.14
CA GLU D 78 18.04 -23.85 -25.52
C GLU D 78 18.82 -22.98 -26.51
N LEU D 79 18.80 -21.67 -26.30
CA LEU D 79 19.57 -20.75 -27.12
C LEU D 79 21.06 -21.12 -27.12
N PHE D 80 21.57 -21.51 -25.97
CA PHE D 80 23.00 -21.78 -25.81
C PHE D 80 23.29 -23.27 -25.78
N ARG D 81 22.32 -24.05 -26.26
CA ARG D 81 22.42 -25.49 -26.29
C ARG D 81 23.73 -25.98 -26.95
N ASP D 82 24.14 -25.36 -28.04
CA ASP D 82 25.33 -25.83 -28.74
C ASP D 82 26.56 -24.99 -28.42
N GLY D 83 26.46 -24.19 -27.37
CA GLY D 83 27.57 -23.37 -26.96
C GLY D 83 27.31 -21.88 -27.03
N VAL D 84 28.22 -21.11 -26.47
CA VAL D 84 28.14 -19.67 -26.47
C VAL D 84 28.93 -19.08 -27.62
N ASN D 85 28.36 -18.08 -28.27
CA ASN D 85 29.14 -17.20 -29.14
C ASN D 85 28.53 -15.80 -29.10
N TRP D 86 29.17 -14.84 -29.75
CA TRP D 86 28.69 -13.47 -29.62
C TRP D 86 27.31 -13.30 -30.23
N GLY D 87 27.06 -13.96 -31.36
CA GLY D 87 25.77 -13.85 -32.02
C GLY D 87 24.63 -14.32 -31.12
N ARG D 88 24.87 -15.42 -30.40
CA ARG D 88 23.86 -15.97 -29.49
C ARG D 88 23.69 -15.09 -28.27
N ILE D 89 24.76 -14.42 -27.86
CA ILE D 89 24.64 -13.46 -26.77
C ILE D 89 23.78 -12.28 -27.23
N VAL D 90 23.97 -11.84 -28.49
CA VAL D 90 23.10 -10.79 -29.03
C VAL D 90 21.63 -11.24 -29.03
N ALA D 91 21.39 -12.48 -29.45
CA ALA D 91 20.04 -13.03 -29.50
C ALA D 91 19.42 -13.04 -28.10
N PHE D 92 20.26 -13.38 -27.13
CA PHE D 92 19.88 -13.38 -25.72
C PHE D 92 19.38 -12.02 -25.29
N PHE D 93 20.15 -10.97 -25.62
CA PHE D 93 19.72 -9.61 -25.27
C PHE D 93 18.44 -9.27 -26.02
N SER D 94 18.40 -9.60 -27.31
N SER D 94 18.39 -9.59 -27.30
CA SER D 94 17.23 -9.33 -28.14
CA SER D 94 17.20 -9.29 -28.11
C SER D 94 15.98 -10.00 -27.54
C SER D 94 15.97 -9.99 -27.55
N PHE D 95 16.16 -11.23 -27.09
CA PHE D 95 15.08 -11.99 -26.44
C PHE D 95 14.59 -11.28 -25.18
N GLY D 96 15.51 -10.83 -24.33
CA GLY D 96 15.12 -10.10 -23.13
C GLY D 96 14.32 -8.85 -23.47
N GLY D 97 14.78 -8.13 -24.49
CA GLY D 97 14.08 -6.95 -24.98
C GLY D 97 12.66 -7.25 -25.40
N ALA D 98 12.49 -8.32 -26.16
CA ALA D 98 11.18 -8.71 -26.65
C ALA D 98 10.25 -9.06 -25.51
N LEU D 99 10.79 -9.72 -24.48
CA LEU D 99 9.99 -10.08 -23.30
C LEU D 99 9.49 -8.83 -22.59
N CYS D 100 10.35 -7.82 -22.52
CA CYS D 100 9.97 -6.57 -21.87
C CYS D 100 8.87 -5.90 -22.67
N VAL D 101 9.04 -5.83 -23.99
CA VAL D 101 8.01 -5.25 -24.84
C VAL D 101 6.69 -6.01 -24.70
N GLU D 102 6.76 -7.34 -24.76
CA GLU D 102 5.59 -8.18 -24.62
C GLU D 102 4.90 -7.95 -23.28
N SER D 103 5.70 -7.83 -22.23
CA SER D 103 5.16 -7.58 -20.90
C SER D 103 4.39 -6.26 -20.85
N VAL D 104 4.97 -5.20 -21.41
CA VAL D 104 4.30 -3.91 -21.40
C VAL D 104 3.06 -3.95 -22.29
N ASP D 105 3.15 -4.61 -23.45
CA ASP D 105 1.99 -4.81 -24.33
C ASP D 105 0.80 -5.41 -23.57
N LYS D 106 1.10 -6.38 -22.71
CA LYS D 106 0.09 -7.14 -21.98
C LYS D 106 -0.21 -6.57 -20.60
N GLU D 107 0.14 -5.30 -20.41
CA GLU D 107 -0.12 -4.59 -19.16
C GLU D 107 0.47 -5.30 -17.97
N MET D 108 1.66 -5.87 -18.15
CA MET D 108 2.40 -6.50 -17.04
C MET D 108 3.75 -5.82 -16.90
N GLN D 109 3.72 -4.50 -16.76
CA GLN D 109 4.93 -3.71 -16.83
C GLN D 109 5.88 -4.08 -15.69
N VAL D 110 5.31 -4.59 -14.59
CA VAL D 110 6.10 -4.98 -13.42
C VAL D 110 7.11 -6.09 -13.74
N LEU D 111 6.84 -6.87 -14.78
CA LEU D 111 7.72 -7.96 -15.14
C LEU D 111 9.04 -7.47 -15.74
N VAL D 112 9.06 -6.22 -16.18
CA VAL D 112 10.26 -5.69 -16.81
C VAL D 112 11.45 -5.74 -15.85
N SER D 113 11.25 -5.33 -14.60
CA SER D 113 12.33 -5.38 -13.62
C SER D 113 12.73 -6.83 -13.35
N ARG D 114 11.75 -7.72 -13.41
CA ARG D 114 12.01 -9.13 -13.17
C ARG D 114 12.89 -9.72 -14.28
N ILE D 115 12.56 -9.39 -15.53
CA ILE D 115 13.34 -9.83 -16.68
C ILE D 115 14.78 -9.32 -16.59
N ALA D 116 14.96 -8.07 -16.19
CA ALA D 116 16.29 -7.49 -16.10
C ALA D 116 17.13 -8.28 -15.09
N ALA D 117 16.53 -8.62 -13.95
CA ALA D 117 17.23 -9.38 -12.93
C ALA D 117 17.56 -10.78 -13.44
N TRP D 118 16.64 -11.38 -14.19
CA TRP D 118 16.89 -12.69 -14.78
C TRP D 118 18.11 -12.65 -15.69
N MET D 119 18.18 -11.62 -16.52
CA MET D 119 19.26 -11.49 -17.47
C MET D 119 20.61 -11.33 -16.77
N ALA D 120 20.64 -10.54 -15.69
CA ALA D 120 21.88 -10.36 -14.92
C ALA D 120 22.37 -11.68 -14.35
N THR D 121 21.44 -12.46 -13.80
CA THR D 121 21.80 -13.74 -13.22
C THR D 121 22.30 -14.71 -14.29
N TYR D 122 21.59 -14.77 -15.42
CA TYR D 122 22.00 -15.70 -16.47
C TYR D 122 23.38 -15.29 -16.99
N LEU D 123 23.59 -13.99 -17.20
CA LEU D 123 24.92 -13.53 -17.61
C LEU D 123 26.00 -14.01 -16.65
N ASN D 124 25.78 -13.76 -15.36
CA ASN D 124 26.78 -14.09 -14.38
C ASN D 124 27.07 -15.57 -14.31
N ASP D 125 26.00 -16.36 -14.31
CA ASP D 125 26.12 -17.79 -14.04
C ASP D 125 26.55 -18.58 -15.28
N HIS D 126 26.10 -18.14 -16.46
CA HIS D 126 26.22 -18.94 -17.68
C HIS D 126 27.08 -18.35 -18.78
N LEU D 127 27.19 -17.04 -18.84
CA LEU D 127 27.81 -16.41 -20.01
C LEU D 127 29.12 -15.72 -19.74
N GLU D 128 29.28 -15.20 -18.53
CA GLU D 128 30.46 -14.42 -18.18
C GLU D 128 31.79 -15.19 -18.29
N PRO D 129 31.82 -16.50 -17.94
CA PRO D 129 33.10 -17.17 -18.17
C PRO D 129 33.52 -17.18 -19.66
N TRP D 130 32.57 -17.46 -20.55
CA TRP D 130 32.88 -17.45 -21.97
C TRP D 130 33.29 -16.05 -22.42
N ILE D 131 32.57 -15.05 -21.94
CA ILE D 131 32.87 -13.67 -22.32
C ILE D 131 34.30 -13.30 -21.92
N GLN D 132 34.71 -13.68 -20.72
CA GLN D 132 36.03 -13.30 -20.24
C GLN D 132 37.12 -14.04 -21.01
N GLU D 133 36.81 -15.27 -21.40
CA GLU D 133 37.74 -16.11 -22.12
C GLU D 133 37.86 -15.80 -23.61
N ASN D 134 36.89 -15.07 -24.14
CA ASN D 134 36.88 -14.75 -25.58
C ASN D 134 37.10 -13.28 -25.86
N GLY D 135 37.83 -12.62 -24.96
CA GLY D 135 38.30 -11.27 -25.20
C GLY D 135 37.52 -10.17 -24.55
N GLY D 136 36.48 -10.52 -23.80
CA GLY D 136 35.68 -9.54 -23.11
C GLY D 136 34.84 -8.72 -24.06
N TRP D 137 34.07 -7.78 -23.54
CA TRP D 137 33.21 -6.96 -24.38
C TRP D 137 34.01 -6.08 -25.34
N ASP D 138 35.27 -5.79 -25.01
CA ASP D 138 36.13 -5.03 -25.91
C ASP D 138 36.27 -5.73 -27.25
N THR D 139 36.34 -7.06 -27.20
CA THR D 139 36.47 -7.85 -28.41
C THR D 139 35.14 -7.87 -29.17
N PHE D 140 34.02 -7.92 -28.43
CA PHE D 140 32.70 -7.80 -29.06
C PHE D 140 32.60 -6.50 -29.86
N VAL D 141 33.08 -5.41 -29.27
CA VAL D 141 33.04 -4.11 -29.92
C VAL D 141 33.87 -4.10 -31.20
N GLU D 142 35.04 -4.75 -31.18
CA GLU D 142 35.84 -4.78 -32.38
C GLU D 142 35.18 -5.59 -33.50
N LEU D 143 34.43 -6.61 -33.13
CA LEU D 143 33.79 -7.48 -34.10
C LEU D 143 32.42 -6.99 -34.57
N TYR D 144 31.66 -6.34 -33.68
CA TYR D 144 30.29 -5.96 -33.99
C TYR D 144 30.05 -4.46 -34.02
N GLY D 145 31.03 -3.68 -33.57
CA GLY D 145 30.90 -2.25 -33.50
C GLY D 145 31.13 -1.50 -34.80
N ASN D 146 30.71 -0.23 -34.81
CA ASN D 146 30.78 0.65 -35.99
C ASN D 146 30.49 -0.02 -37.33
N MET E 6 -20.68 -20.21 9.71
CA MET E 6 -21.49 -19.72 8.59
C MET E 6 -22.74 -18.96 9.07
N SER E 7 -23.09 -19.15 10.33
CA SER E 7 -24.29 -18.52 10.86
C SER E 7 -24.36 -17.02 10.62
N GLN E 8 -23.24 -16.31 10.83
CA GLN E 8 -23.27 -14.86 10.68
C GLN E 8 -23.51 -14.47 9.23
N SER E 9 -22.96 -15.22 8.30
CA SER E 9 -23.14 -14.79 6.93
C SER E 9 -24.52 -15.23 6.44
N ASN E 10 -25.07 -16.29 7.02
CA ASN E 10 -26.43 -16.70 6.64
C ASN E 10 -27.44 -15.67 7.15
N ARG E 11 -27.17 -15.13 8.33
CA ARG E 11 -28.01 -14.10 8.88
C ARG E 11 -27.98 -12.85 7.98
N GLU E 12 -26.79 -12.48 7.52
CA GLU E 12 -26.64 -11.34 6.60
C GLU E 12 -27.42 -11.57 5.30
N LEU E 13 -27.40 -12.80 4.81
CA LEU E 13 -28.14 -13.17 3.60
C LEU E 13 -29.62 -13.02 3.82
N VAL E 14 -30.10 -13.48 4.96
CA VAL E 14 -31.53 -13.33 5.27
C VAL E 14 -31.91 -11.85 5.24
N VAL E 15 -31.14 -11.03 5.93
CA VAL E 15 -31.48 -9.61 6.00
C VAL E 15 -31.40 -8.91 4.64
N ASP E 16 -30.38 -9.23 3.86
CA ASP E 16 -30.24 -8.59 2.57
C ASP E 16 -31.37 -9.00 1.64
N PHE E 17 -31.66 -10.29 1.63
CA PHE E 17 -32.65 -10.82 0.70
C PHE E 17 -34.03 -10.29 1.04
N LEU E 18 -34.39 -10.32 2.33
CA LEU E 18 -35.71 -9.85 2.73
C LEU E 18 -35.83 -8.36 2.44
N SER E 19 -34.76 -7.62 2.69
CA SER E 19 -34.74 -6.20 2.40
C SER E 19 -34.99 -5.93 0.92
N TYR E 20 -34.37 -6.73 0.07
CA TYR E 20 -34.54 -6.58 -1.37
C TYR E 20 -35.98 -6.87 -1.81
N LYS E 21 -36.53 -7.98 -1.35
CA LYS E 21 -37.86 -8.39 -1.79
C LYS E 21 -38.92 -7.41 -1.31
N LEU E 22 -38.74 -6.89 -0.09
CA LEU E 22 -39.61 -5.86 0.43
C LEU E 22 -39.51 -4.60 -0.43
N SER E 23 -38.28 -4.25 -0.80
CA SER E 23 -38.05 -3.04 -1.59
C SER E 23 -38.66 -3.18 -2.98
N GLN E 24 -38.66 -4.39 -3.54
CA GLN E 24 -39.28 -4.59 -4.85
C GLN E 24 -40.76 -4.30 -4.83
N LYS E 25 -41.35 -4.46 -3.65
CA LYS E 25 -42.77 -4.17 -3.46
C LYS E 25 -42.99 -2.80 -2.78
N GLY E 26 -41.94 -1.98 -2.73
CA GLY E 26 -42.04 -0.63 -2.18
C GLY E 26 -41.99 -0.48 -0.66
N TYR E 27 -41.55 -1.52 0.04
CA TYR E 27 -41.43 -1.47 1.49
C TYR E 27 -39.97 -1.30 1.90
N SER E 28 -39.69 -0.88 3.13
CA SER E 28 -38.29 -0.60 3.49
C SER E 28 -37.82 -1.28 4.75
N TRP E 29 -36.80 -2.12 4.61
CA TRP E 29 -36.14 -2.74 5.74
C TRP E 29 -35.41 -1.68 6.59
N SER E 30 -34.69 -0.80 5.91
CA SER E 30 -33.89 0.21 6.62
C SER E 30 -34.43 1.64 6.45
N GLN E 31 -34.08 2.52 7.40
CA GLN E 31 -34.47 3.92 7.34
C GLN E 31 -33.77 4.64 6.18
N MET E 32 -32.57 4.15 5.84
CA MET E 32 -31.77 4.69 4.76
C MET E 32 -32.22 4.26 3.34
N ALA E 33 -33.26 3.43 3.24
CA ALA E 33 -33.61 2.88 1.94
C ALA E 33 -33.92 3.94 0.89
N ALA E 34 -34.65 4.98 1.25
CA ALA E 34 -34.97 6.04 0.29
C ALA E 34 -33.73 6.82 -0.15
N VAL E 35 -32.88 7.18 0.81
CA VAL E 35 -31.67 7.92 0.50
C VAL E 35 -30.73 7.10 -0.38
N LYS E 36 -30.53 5.83 -0.04
CA LYS E 36 -29.69 4.95 -0.84
C LYS E 36 -30.16 4.88 -2.29
N GLN E 37 -31.46 4.70 -2.46
CA GLN E 37 -32.01 4.57 -3.78
C GLN E 37 -31.84 5.86 -4.55
N ALA E 38 -32.13 6.99 -3.91
CA ALA E 38 -32.02 8.28 -4.58
C ALA E 38 -30.60 8.56 -5.01
N LEU E 39 -29.65 8.19 -4.16
CA LEU E 39 -28.25 8.43 -4.46
C LEU E 39 -27.73 7.54 -5.58
N ARG E 40 -28.13 6.28 -5.59
CA ARG E 40 -27.82 5.39 -6.71
C ARG E 40 -28.31 5.98 -8.03
N GLU E 41 -29.57 6.43 -8.04
CA GLU E 41 -30.14 6.96 -9.26
C GLU E 41 -29.48 8.25 -9.68
N ALA E 42 -29.13 9.09 -8.69
CA ALA E 42 -28.46 10.35 -8.99
C ALA E 42 -27.07 10.10 -9.55
N GLY E 43 -26.37 9.13 -8.96
CA GLY E 43 -25.06 8.73 -9.45
C GLY E 43 -25.15 8.27 -10.89
N ASP E 44 -26.12 7.42 -11.19
CA ASP E 44 -26.33 6.98 -12.57
C ASP E 44 -26.58 8.15 -13.51
N GLU E 45 -27.43 9.08 -13.08
CA GLU E 45 -27.80 10.21 -13.92
C GLU E 45 -26.60 11.12 -14.13
N PHE E 46 -25.83 11.35 -13.06
CA PHE E 46 -24.63 12.16 -13.21
C PHE E 46 -23.67 11.56 -14.22
N GLU E 47 -23.43 10.26 -14.08
CA GLU E 47 -22.52 9.55 -14.95
C GLU E 47 -23.05 9.49 -16.39
N LEU E 48 -24.37 9.35 -16.54
CA LEU E 48 -24.94 9.25 -17.87
C LEU E 48 -24.93 10.57 -18.65
N ARG E 49 -25.12 11.68 -17.96
CA ARG E 49 -25.35 12.93 -18.68
C ARG E 49 -24.43 14.08 -18.36
N TYR E 50 -23.75 14.05 -17.23
CA TYR E 50 -23.03 15.24 -16.79
C TYR E 50 -21.54 15.05 -16.62
N ARG E 51 -21.13 13.86 -16.18
CA ARG E 51 -19.73 13.61 -15.86
C ARG E 51 -18.78 13.97 -17.00
N ARG E 52 -19.21 13.66 -18.21
CA ARG E 52 -18.40 13.86 -19.40
C ARG E 52 -17.89 15.30 -19.55
N ALA E 53 -18.62 16.26 -19.00
CA ALA E 53 -18.26 17.67 -19.17
C ALA E 53 -17.14 18.11 -18.25
N PHE E 54 -16.87 17.33 -17.21
CA PHE E 54 -15.98 17.80 -16.16
C PHE E 54 -14.61 17.15 -16.23
N SER E 55 -13.63 17.83 -15.60
CA SER E 55 -12.28 17.31 -15.52
C SER E 55 -12.31 15.92 -14.88
N ASP E 56 -11.66 14.95 -15.50
CA ASP E 56 -11.66 13.59 -14.99
C ASP E 56 -10.77 13.50 -13.77
N LEU E 57 -11.36 13.43 -12.59
CA LEU E 57 -10.54 13.43 -11.37
C LEU E 57 -9.71 12.15 -11.20
N THR E 58 -10.10 11.06 -11.86
CA THR E 58 -9.31 9.83 -11.78
C THR E 58 -7.94 9.99 -12.45
N SER E 59 -7.81 10.96 -13.37
CA SER E 59 -6.51 11.24 -13.97
C SER E 59 -5.54 11.84 -12.95
N GLN E 60 -6.10 12.53 -11.96
CA GLN E 60 -5.34 13.20 -10.89
C GLN E 60 -4.95 12.29 -9.72
N LEU E 61 -5.61 11.16 -9.59
CA LEU E 61 -5.40 10.30 -8.43
C LEU E 61 -5.28 8.84 -8.82
N HIS E 62 -4.10 8.29 -8.57
CA HIS E 62 -3.77 6.91 -8.91
C HIS E 62 -3.49 6.12 -7.62
N ILE E 63 -4.53 5.56 -7.03
CA ILE E 63 -4.41 4.93 -5.71
C ILE E 63 -3.61 3.62 -5.75
N THR E 64 -2.68 3.50 -4.81
CA THR E 64 -1.86 2.30 -4.68
C THR E 64 -1.86 1.98 -3.19
N PRO E 65 -1.26 0.87 -2.77
CA PRO E 65 -1.22 0.62 -1.32
C PRO E 65 -0.47 1.68 -0.51
N GLY E 66 0.37 2.52 -1.14
CA GLY E 66 1.08 3.55 -0.42
C GLY E 66 0.29 4.84 -0.31
N THR E 67 -0.84 4.92 -1.00
CA THR E 67 -1.70 6.12 -1.00
C THR E 67 -2.42 6.35 0.34
N ALA E 68 -2.34 7.57 0.86
CA ALA E 68 -3.01 7.92 2.12
C ALA E 68 -4.10 8.97 1.89
N TYR E 69 -4.91 9.20 2.92
CA TYR E 69 -6.04 10.12 2.83
C TYR E 69 -5.70 11.50 2.19
N GLN E 70 -4.56 12.06 2.57
CA GLN E 70 -4.17 13.40 2.09
C GLN E 70 -4.23 13.48 0.58
N SER E 71 -3.84 12.42 -0.14
CA SER E 71 -3.86 12.48 -1.62
C SER E 71 -5.29 12.54 -2.14
N PHE E 72 -6.16 11.70 -1.56
CA PHE E 72 -7.58 11.68 -1.88
C PHE E 72 -8.22 13.02 -1.61
N GLU E 73 -7.97 13.55 -0.41
CA GLU E 73 -8.54 14.84 0.00
C GLU E 73 -8.19 16.00 -0.94
N GLN E 74 -6.93 16.06 -1.35
CA GLN E 74 -6.46 17.20 -2.11
C GLN E 74 -7.18 17.17 -3.47
N VAL E 75 -7.33 15.97 -4.01
CA VAL E 75 -8.01 15.85 -5.31
C VAL E 75 -9.52 16.14 -5.20
N VAL E 76 -10.16 15.61 -4.16
CA VAL E 76 -11.59 15.85 -3.97
C VAL E 76 -11.88 17.33 -3.74
N ASN E 77 -10.93 18.07 -3.16
CA ASN E 77 -11.10 19.51 -2.96
C ASN E 77 -11.44 20.23 -4.27
N GLU E 78 -10.99 19.68 -5.39
CA GLU E 78 -11.29 20.31 -6.67
C GLU E 78 -12.78 20.35 -6.98
N LEU E 79 -13.49 19.30 -6.61
CA LEU E 79 -14.95 19.25 -6.77
C LEU E 79 -15.66 20.39 -6.08
N PHE E 80 -15.17 20.73 -4.90
CA PHE E 80 -15.88 21.66 -4.04
C PHE E 80 -15.19 23.02 -3.95
N ARG E 81 -14.28 23.28 -4.88
CA ARG E 81 -13.52 24.53 -4.88
C ARG E 81 -14.44 25.76 -4.87
N ASP E 82 -15.57 25.65 -5.58
CA ASP E 82 -16.49 26.77 -5.67
C ASP E 82 -17.69 26.59 -4.72
N GLY E 83 -17.55 25.66 -3.77
CA GLY E 83 -18.59 25.46 -2.78
C GLY E 83 -19.26 24.11 -2.89
N VAL E 84 -20.03 23.75 -1.86
CA VAL E 84 -20.75 22.49 -1.82
C VAL E 84 -22.17 22.68 -2.36
N ASN E 85 -22.62 21.73 -3.16
CA ASN E 85 -24.05 21.61 -3.48
C ASN E 85 -24.36 20.15 -3.69
N TRP E 86 -25.63 19.82 -3.88
CA TRP E 86 -25.98 18.40 -3.95
C TRP E 86 -25.37 17.72 -5.17
N GLY E 87 -25.32 18.41 -6.30
CA GLY E 87 -24.76 17.85 -7.51
C GLY E 87 -23.32 17.45 -7.34
N ARG E 88 -22.56 18.29 -6.65
CA ARG E 88 -21.13 18.01 -6.42
C ARG E 88 -20.93 16.89 -5.40
N ILE E 89 -21.86 16.76 -4.46
CA ILE E 89 -21.83 15.63 -3.55
C ILE E 89 -22.12 14.34 -4.32
N VAL E 90 -23.04 14.41 -5.27
CA VAL E 90 -23.27 13.26 -6.13
C VAL E 90 -21.99 12.90 -6.89
N ALA E 91 -21.33 13.91 -7.46
CA ALA E 91 -20.07 13.69 -8.18
C ALA E 91 -19.01 13.05 -7.28
N PHE E 92 -18.94 13.49 -6.02
CA PHE E 92 -18.04 12.93 -5.02
C PHE E 92 -18.29 11.43 -4.84
N PHE E 93 -19.56 11.04 -4.69
CA PHE E 93 -19.84 9.61 -4.57
C PHE E 93 -19.47 8.89 -5.87
N SER E 94 -19.83 9.47 -7.01
CA SER E 94 -19.49 8.85 -8.30
C SER E 94 -17.97 8.65 -8.44
N PHE E 95 -17.22 9.66 -8.02
CA PHE E 95 -15.77 9.62 -8.08
C PHE E 95 -15.26 8.46 -7.19
N GLY E 96 -15.78 8.35 -5.97
CA GLY E 96 -15.43 7.24 -5.09
C GLY E 96 -15.72 5.89 -5.75
N GLY E 97 -16.86 5.78 -6.39
CA GLY E 97 -17.21 4.57 -7.12
C GLY E 97 -16.20 4.23 -8.20
N ALA E 98 -15.81 5.26 -8.97
CA ALA E 98 -14.85 5.09 -10.06
C ALA E 98 -13.49 4.65 -9.56
N LEU E 99 -13.07 5.22 -8.42
CA LEU E 99 -11.79 4.88 -7.79
C LEU E 99 -11.81 3.40 -7.38
N CYS E 100 -12.94 2.94 -6.85
CA CYS E 100 -13.07 1.53 -6.49
C CYS E 100 -13.01 0.61 -7.69
N VAL E 101 -13.74 0.99 -8.75
CA VAL E 101 -13.70 0.19 -9.96
C VAL E 101 -12.26 0.12 -10.49
N GLU E 102 -11.58 1.27 -10.53
CA GLU E 102 -10.20 1.30 -11.03
C GLU E 102 -9.31 0.41 -10.18
N SER E 103 -9.53 0.46 -8.88
CA SER E 103 -8.74 -0.36 -7.95
CA SER E 103 -8.75 -0.34 -7.95
C SER E 103 -8.90 -1.83 -8.25
N VAL E 104 -10.14 -2.27 -8.49
CA VAL E 104 -10.35 -3.68 -8.85
C VAL E 104 -9.77 -4.00 -10.22
N ASP E 105 -9.94 -3.09 -11.17
CA ASP E 105 -9.31 -3.23 -12.51
C ASP E 105 -7.83 -3.52 -12.40
N LYS E 106 -7.16 -2.83 -11.47
CA LYS E 106 -5.71 -2.90 -11.34
C LYS E 106 -5.31 -3.97 -10.33
N GLU E 107 -6.23 -4.92 -10.07
CA GLU E 107 -6.00 -6.03 -9.15
C GLU E 107 -5.60 -5.58 -7.74
N MET E 108 -6.22 -4.50 -7.30
CA MET E 108 -6.04 -4.03 -5.93
C MET E 108 -7.38 -3.93 -5.24
N GLN E 109 -8.12 -5.03 -5.23
CA GLN E 109 -9.48 -5.03 -4.73
C GLN E 109 -9.54 -4.61 -3.28
N VAL E 110 -8.49 -4.94 -2.56
CA VAL E 110 -8.43 -4.70 -1.14
C VAL E 110 -8.48 -3.20 -0.78
N LEU E 111 -8.11 -2.34 -1.72
CA LEU E 111 -8.06 -0.91 -1.46
C LEU E 111 -9.46 -0.26 -1.40
N VAL E 112 -10.47 -0.98 -1.88
CA VAL E 112 -11.81 -0.43 -1.88
C VAL E 112 -12.22 0.00 -0.44
N SER E 113 -11.82 -0.77 0.55
CA SER E 113 -12.14 -0.44 1.94
C SER E 113 -11.47 0.88 2.37
N ARG E 114 -10.27 1.15 1.84
CA ARG E 114 -9.60 2.40 2.17
C ARG E 114 -10.31 3.60 1.55
N ILE E 115 -10.73 3.45 0.30
CA ILE E 115 -11.46 4.52 -0.32
C ILE E 115 -12.74 4.81 0.46
N ALA E 116 -13.45 3.78 0.91
CA ALA E 116 -14.68 4.00 1.67
C ALA E 116 -14.35 4.79 2.95
N ALA E 117 -13.22 4.44 3.58
CA ALA E 117 -12.85 5.15 4.81
C ALA E 117 -12.53 6.62 4.54
N TRP E 118 -11.79 6.89 3.47
CA TRP E 118 -11.49 8.27 3.07
C TRP E 118 -12.79 9.05 2.79
N MET E 119 -13.75 8.41 2.13
CA MET E 119 -15.01 9.08 1.86
C MET E 119 -15.73 9.44 3.17
N ALA E 120 -15.71 8.54 4.14
CA ALA E 120 -16.34 8.84 5.41
C ALA E 120 -15.65 10.04 6.08
N THR E 121 -14.33 10.06 6.07
CA THR E 121 -13.60 11.16 6.70
C THR E 121 -13.91 12.48 5.97
N TYR E 122 -13.90 12.44 4.64
CA TYR E 122 -14.17 13.64 3.85
C TYR E 122 -15.60 14.11 4.06
N LEU E 123 -16.55 13.17 4.03
CA LEU E 123 -17.94 13.51 4.33
C LEU E 123 -18.06 14.21 5.68
N ASN E 124 -17.53 13.62 6.74
CA ASN E 124 -17.66 14.23 8.05
C ASN E 124 -16.97 15.58 8.21
N ASP E 125 -15.79 15.73 7.62
CA ASP E 125 -15.02 16.95 7.82
C ASP E 125 -15.55 18.12 7.00
N HIS E 126 -15.98 17.83 5.78
CA HIS E 126 -16.21 18.89 4.80
C HIS E 126 -17.64 18.97 4.25
N LEU E 127 -18.40 17.88 4.32
CA LEU E 127 -19.70 17.88 3.64
C LEU E 127 -20.88 17.86 4.61
N GLU E 128 -20.72 17.17 5.74
CA GLU E 128 -21.82 17.04 6.69
C GLU E 128 -22.35 18.37 7.25
N PRO E 129 -21.45 19.32 7.55
CA PRO E 129 -22.00 20.60 8.01
C PRO E 129 -22.92 21.25 6.99
N TRP E 130 -22.51 21.25 5.72
CA TRP E 130 -23.36 21.79 4.66
C TRP E 130 -24.66 21.00 4.54
N ILE E 131 -24.53 19.67 4.58
CA ILE E 131 -25.67 18.78 4.46
C ILE E 131 -26.70 19.08 5.56
N GLN E 132 -26.22 19.26 6.77
CA GLN E 132 -27.15 19.52 7.87
C GLN E 132 -27.79 20.88 7.74
N GLU E 133 -27.06 21.84 7.20
CA GLU E 133 -27.59 23.18 7.04
C GLU E 133 -28.58 23.26 5.88
N ASN E 134 -28.53 22.28 4.98
CA ASN E 134 -29.40 22.32 3.82
C ASN E 134 -30.48 21.25 3.80
N GLY E 135 -30.89 20.79 4.98
CA GLY E 135 -32.06 19.94 5.09
C GLY E 135 -31.79 18.45 5.21
N GLY E 136 -30.51 18.07 5.23
CA GLY E 136 -30.15 16.67 5.38
C GLY E 136 -30.45 15.85 4.13
N TRP E 137 -30.17 14.56 4.19
CA TRP E 137 -30.38 13.68 3.05
C TRP E 137 -31.87 13.54 2.65
N ASP E 138 -32.78 13.77 3.60
CA ASP E 138 -34.19 13.76 3.26
C ASP E 138 -34.52 14.81 2.21
N THR E 139 -33.84 15.96 2.28
CA THR E 139 -34.04 17.02 1.30
C THR E 139 -33.46 16.60 -0.04
N PHE E 140 -32.32 15.93 0.00
CA PHE E 140 -31.73 15.35 -1.20
C PHE E 140 -32.73 14.42 -1.89
N VAL E 141 -33.40 13.59 -1.09
CA VAL E 141 -34.35 12.62 -1.62
C VAL E 141 -35.50 13.32 -2.33
N GLU E 142 -35.98 14.41 -1.75
CA GLU E 142 -37.06 15.15 -2.42
C GLU E 142 -36.60 15.84 -3.70
N LEU E 143 -35.33 16.23 -3.76
CA LEU E 143 -34.81 16.92 -4.95
C LEU E 143 -34.31 15.99 -6.05
N TYR E 144 -33.76 14.84 -5.68
CA TYR E 144 -33.11 13.97 -6.66
C TYR E 144 -33.81 12.61 -6.82
N GLY E 145 -34.74 12.31 -5.92
CA GLY E 145 -35.49 11.07 -5.96
C GLY E 145 -36.64 11.11 -6.94
N PRO F 2 -29.29 8.26 19.25
CA PRO F 2 -28.07 7.55 19.63
C PRO F 2 -26.83 8.13 18.94
N LEU F 3 -25.74 8.24 19.69
CA LEU F 3 -24.50 8.84 19.20
C LEU F 3 -23.87 8.14 17.99
N GLY F 4 -24.18 6.85 17.81
CA GLY F 4 -23.56 6.11 16.72
C GLY F 4 -24.37 6.02 15.43
N SER F 5 -25.54 6.67 15.38
CA SER F 5 -26.43 6.43 14.25
C SER F 5 -25.94 7.10 12.97
N MET F 6 -25.20 8.21 13.09
CA MET F 6 -24.64 8.82 11.87
C MET F 6 -23.51 7.98 11.31
N SER F 7 -22.65 7.46 12.17
CA SER F 7 -21.58 6.58 11.67
C SER F 7 -22.20 5.40 10.92
N GLN F 8 -23.23 4.81 11.51
CA GLN F 8 -23.84 3.65 10.91
C GLN F 8 -24.58 3.99 9.61
N SER F 9 -25.29 5.12 9.56
CA SER F 9 -26.04 5.35 8.34
C SER F 9 -25.15 5.91 7.24
N ASN F 10 -24.07 6.61 7.59
CA ASN F 10 -23.13 7.06 6.57
C ASN F 10 -22.36 5.87 5.98
N ARG F 11 -22.05 4.92 6.85
CA ARG F 11 -21.38 3.69 6.44
C ARG F 11 -22.29 2.94 5.48
N GLU F 12 -23.55 2.80 5.87
CA GLU F 12 -24.51 2.10 5.03
C GLU F 12 -24.63 2.74 3.65
N LEU F 13 -24.66 4.07 3.63
CA LEU F 13 -24.78 4.83 2.37
C LEU F 13 -23.57 4.67 1.46
N VAL F 14 -22.39 4.90 2.01
CA VAL F 14 -21.16 4.79 1.24
C VAL F 14 -20.99 3.38 0.70
N VAL F 15 -21.16 2.39 1.57
CA VAL F 15 -20.97 1.00 1.16
C VAL F 15 -22.01 0.60 0.12
N ASP F 16 -23.24 1.06 0.31
CA ASP F 16 -24.27 0.71 -0.66
C ASP F 16 -23.91 1.30 -2.03
N PHE F 17 -23.52 2.55 -2.06
CA PHE F 17 -23.22 3.20 -3.32
C PHE F 17 -22.00 2.56 -3.99
N LEU F 18 -20.94 2.35 -3.22
CA LEU F 18 -19.74 1.72 -3.79
C LEU F 18 -20.04 0.30 -4.25
N SER F 19 -20.82 -0.45 -3.46
CA SER F 19 -21.20 -1.80 -3.84
C SER F 19 -21.95 -1.79 -5.16
N TYR F 20 -22.86 -0.82 -5.30
CA TYR F 20 -23.66 -0.68 -6.51
C TYR F 20 -22.77 -0.37 -7.71
N LYS F 21 -21.89 0.61 -7.56
CA LYS F 21 -21.03 1.00 -8.70
C LYS F 21 -20.12 -0.16 -9.09
N LEU F 22 -19.61 -0.89 -8.11
CA LEU F 22 -18.81 -2.06 -8.43
C LEU F 22 -19.61 -3.11 -9.17
N SER F 23 -20.84 -3.36 -8.73
CA SER F 23 -21.65 -4.42 -9.32
C SER F 23 -21.99 -4.07 -10.77
N GLN F 24 -22.11 -2.78 -11.07
CA GLN F 24 -22.42 -2.34 -12.43
C GLN F 24 -21.30 -2.71 -13.40
N LYS F 25 -20.09 -2.86 -12.88
CA LYS F 25 -18.95 -3.28 -13.69
C LYS F 25 -18.67 -4.77 -13.54
N GLY F 26 -19.56 -5.50 -12.88
CA GLY F 26 -19.38 -6.92 -12.72
C GLY F 26 -18.43 -7.24 -11.57
N TYR F 27 -18.15 -6.23 -10.76
CA TYR F 27 -17.28 -6.38 -9.60
C TYR F 27 -18.07 -6.44 -8.30
N SER F 28 -17.37 -6.72 -7.20
CA SER F 28 -17.99 -6.85 -5.90
C SER F 28 -17.24 -6.09 -4.80
N TRP F 29 -18.00 -5.41 -3.95
CA TRP F 29 -17.45 -4.81 -2.74
C TRP F 29 -16.71 -5.82 -1.87
N SER F 30 -17.34 -6.98 -1.70
CA SER F 30 -16.78 -8.04 -0.87
C SER F 30 -17.25 -9.38 -1.39
N GLN F 31 -16.67 -10.46 -0.89
CA GLN F 31 -17.16 -11.77 -1.29
C GLN F 31 -18.60 -11.94 -0.80
N MET F 32 -18.92 -11.37 0.37
CA MET F 32 -20.30 -11.47 0.82
C MET F 32 -21.25 -10.64 -0.03
N ALA F 33 -20.76 -9.53 -0.59
CA ALA F 33 -21.58 -8.72 -1.47
C ALA F 33 -21.91 -9.53 -2.73
N ALA F 34 -20.94 -10.32 -3.20
CA ALA F 34 -21.13 -11.15 -4.37
C ALA F 34 -22.21 -12.23 -4.11
N VAL F 35 -22.15 -12.82 -2.91
CA VAL F 35 -23.15 -13.83 -2.58
C VAL F 35 -24.53 -13.21 -2.51
N LYS F 36 -24.63 -12.07 -1.84
CA LYS F 36 -25.90 -11.35 -1.72
C LYS F 36 -26.47 -11.06 -3.09
N GLN F 37 -25.62 -10.59 -4.00
CA GLN F 37 -26.12 -10.24 -5.32
C GLN F 37 -26.60 -11.48 -6.07
N ALA F 38 -25.83 -12.56 -6.00
CA ALA F 38 -26.20 -13.78 -6.70
C ALA F 38 -27.52 -14.32 -6.18
N LEU F 39 -27.71 -14.23 -4.86
CA LEU F 39 -28.92 -14.73 -4.21
C LEU F 39 -30.13 -13.87 -4.53
N ARG F 40 -29.95 -12.56 -4.56
N ARG F 40 -29.96 -12.56 -4.57
CA ARG F 40 -31.02 -11.67 -5.00
CA ARG F 40 -31.06 -11.69 -4.99
C ARG F 40 -31.48 -12.03 -6.41
C ARG F 40 -31.48 -12.02 -6.42
N GLU F 41 -30.51 -12.17 -7.30
CA GLU F 41 -30.80 -12.45 -8.72
C GLU F 41 -31.40 -13.84 -8.89
N ALA F 42 -30.92 -14.80 -8.10
CA ALA F 42 -31.47 -16.14 -8.16
C ALA F 42 -32.92 -16.13 -7.69
N GLY F 43 -33.20 -15.33 -6.65
CA GLY F 43 -34.55 -15.18 -6.14
C GLY F 43 -35.47 -14.65 -7.24
N ASP F 44 -35.01 -13.60 -7.92
CA ASP F 44 -35.79 -13.07 -9.05
C ASP F 44 -36.03 -14.12 -10.13
N GLU F 45 -35.00 -14.88 -10.46
CA GLU F 45 -35.12 -15.89 -11.51
C GLU F 45 -36.07 -16.98 -11.08
N PHE F 46 -36.00 -17.35 -9.80
CA PHE F 46 -36.91 -18.34 -9.30
C PHE F 46 -38.36 -17.89 -9.46
N GLU F 47 -38.62 -16.64 -9.06
CA GLU F 47 -39.97 -16.10 -9.13
C GLU F 47 -40.45 -15.93 -10.57
N LEU F 48 -39.55 -15.56 -11.46
CA LEU F 48 -39.92 -15.38 -12.86
C LEU F 48 -40.16 -16.71 -13.57
N ARG F 49 -39.53 -17.78 -13.11
CA ARG F 49 -39.51 -19.01 -13.90
C ARG F 49 -40.15 -20.24 -13.28
N TYR F 50 -40.10 -20.34 -11.95
CA TYR F 50 -40.41 -21.59 -11.25
C TYR F 50 -41.47 -21.57 -10.18
N ARG F 51 -41.60 -20.45 -9.47
CA ARG F 51 -42.48 -20.37 -8.29
C ARG F 51 -43.85 -20.97 -8.58
N ARG F 52 -44.35 -20.62 -9.77
CA ARG F 52 -45.66 -21.02 -10.27
C ARG F 52 -45.87 -22.54 -10.34
N ALA F 53 -44.76 -23.28 -10.47
CA ALA F 53 -44.77 -24.71 -10.70
C ALA F 53 -45.01 -25.54 -9.44
N PHE F 54 -44.89 -24.90 -8.30
CA PHE F 54 -44.93 -25.60 -7.03
C PHE F 54 -46.11 -25.18 -6.16
N SER F 55 -46.46 -26.03 -5.20
CA SER F 55 -47.47 -25.73 -4.20
C SER F 55 -47.11 -24.41 -3.52
N ASP F 56 -48.10 -23.54 -3.35
CA ASP F 56 -47.87 -22.25 -2.71
C ASP F 56 -47.68 -22.41 -1.20
N LEU F 57 -46.43 -22.26 -0.75
CA LEU F 57 -46.12 -22.46 0.67
C LEU F 57 -46.74 -21.41 1.58
N THR F 58 -47.02 -20.21 1.03
CA THR F 58 -47.65 -19.18 1.87
C THR F 58 -49.08 -19.59 2.20
N SER F 59 -49.69 -20.34 1.30
CA SER F 59 -51.02 -20.87 1.56
C SER F 59 -50.95 -21.98 2.60
N GLN F 60 -49.85 -22.72 2.63
CA GLN F 60 -49.74 -23.84 3.55
C GLN F 60 -49.50 -23.30 4.94
N LEU F 61 -48.98 -22.08 5.03
CA LEU F 61 -48.60 -21.55 6.33
C LEU F 61 -49.71 -20.64 6.83
N HIS F 62 -50.40 -19.99 5.88
CA HIS F 62 -51.43 -18.98 6.17
C HIS F 62 -51.08 -18.23 7.45
N ILE F 63 -50.08 -17.37 7.33
CA ILE F 63 -49.45 -16.72 8.48
C ILE F 63 -50.42 -15.72 9.13
N THR F 64 -50.40 -15.71 10.45
CA THR F 64 -51.22 -14.81 11.26
C THR F 64 -50.32 -14.27 12.38
N PRO F 65 -50.81 -13.31 13.19
CA PRO F 65 -49.99 -12.87 14.33
C PRO F 65 -49.67 -13.98 15.35
N GLY F 66 -50.42 -15.08 15.32
CA GLY F 66 -50.20 -16.17 16.24
C GLY F 66 -49.21 -17.24 15.77
N THR F 67 -48.73 -17.13 14.54
CA THR F 67 -47.84 -18.13 13.96
C THR F 67 -46.47 -18.14 14.64
N ALA F 68 -46.02 -19.33 15.04
CA ALA F 68 -44.72 -19.49 15.69
C ALA F 68 -43.79 -20.32 14.81
N TYR F 69 -42.50 -20.36 15.17
CA TYR F 69 -41.51 -21.02 14.33
C TYR F 69 -41.86 -22.45 13.91
N GLN F 70 -42.39 -23.25 14.84
CA GLN F 70 -42.65 -24.66 14.54
C GLN F 70 -43.57 -24.82 13.30
N SER F 71 -44.54 -23.92 13.14
CA SER F 71 -45.43 -23.98 11.98
C SER F 71 -44.66 -23.68 10.68
N PHE F 72 -43.83 -22.65 10.73
CA PHE F 72 -42.97 -22.26 9.62
C PHE F 72 -42.06 -23.42 9.25
N GLU F 73 -41.46 -24.01 10.28
CA GLU F 73 -40.54 -25.12 10.11
C GLU F 73 -41.20 -26.28 9.39
N GLN F 74 -42.44 -26.58 9.78
CA GLN F 74 -43.14 -27.71 9.19
C GLN F 74 -43.35 -27.48 7.71
N VAL F 75 -43.70 -26.24 7.37
CA VAL F 75 -43.96 -25.88 5.99
C VAL F 75 -42.68 -25.93 5.17
N VAL F 76 -41.60 -25.40 5.72
CA VAL F 76 -40.32 -25.41 4.99
C VAL F 76 -39.81 -26.85 4.88
N ASN F 77 -40.13 -27.69 5.87
CA ASN F 77 -39.76 -29.10 5.77
C ASN F 77 -40.36 -29.74 4.51
N GLU F 78 -41.52 -29.24 4.09
CA GLU F 78 -42.16 -29.78 2.87
C GLU F 78 -41.34 -29.43 1.63
N LEU F 79 -40.82 -28.20 1.61
CA LEU F 79 -39.92 -27.75 0.54
C LEU F 79 -38.73 -28.69 0.40
N PHE F 80 -38.20 -29.15 1.52
CA PHE F 80 -36.99 -29.95 1.48
C PHE F 80 -37.24 -31.43 1.69
N ARG F 81 -38.49 -31.87 1.50
CA ARG F 81 -38.88 -33.27 1.72
C ARG F 81 -37.94 -34.25 1.02
N ASP F 82 -37.55 -33.93 -0.21
CA ASP F 82 -36.73 -34.86 -0.98
C ASP F 82 -35.24 -34.49 -0.98
N GLY F 83 -34.85 -33.62 -0.06
CA GLY F 83 -33.46 -33.27 0.07
C GLY F 83 -33.18 -31.82 -0.23
N VAL F 84 -31.98 -31.39 0.09
CA VAL F 84 -31.57 -30.02 -0.18
C VAL F 84 -30.81 -29.93 -1.49
N ASN F 85 -31.04 -28.86 -2.24
CA ASN F 85 -30.17 -28.45 -3.33
C ASN F 85 -30.21 -26.91 -3.38
N TRP F 86 -29.40 -26.30 -4.24
CA TRP F 86 -29.33 -24.84 -4.24
C TRP F 86 -30.65 -24.18 -4.64
N GLY F 87 -31.33 -24.77 -5.61
CA GLY F 87 -32.59 -24.22 -6.06
C GLY F 87 -33.63 -24.17 -4.95
N ARG F 88 -33.69 -25.22 -4.14
CA ARG F 88 -34.67 -25.25 -3.05
C ARG F 88 -34.29 -24.25 -1.96
N ILE F 89 -32.99 -24.02 -1.80
CA ILE F 89 -32.57 -22.98 -0.87
C ILE F 89 -33.00 -21.60 -1.39
N VAL F 90 -32.87 -21.38 -2.70
CA VAL F 90 -33.37 -20.13 -3.28
C VAL F 90 -34.88 -20.02 -3.04
N ALA F 91 -35.61 -21.11 -3.25
CA ALA F 91 -37.05 -21.10 -3.03
C ALA F 91 -37.38 -20.75 -1.58
N PHE F 92 -36.59 -21.26 -0.64
CA PHE F 92 -36.71 -20.98 0.78
C PHE F 92 -36.58 -19.46 1.04
N PHE F 93 -35.55 -18.85 0.47
CA PHE F 93 -35.40 -17.42 0.63
C PHE F 93 -36.58 -16.69 -0.03
N SER F 94 -36.95 -17.11 -1.24
CA SER F 94 -38.08 -16.50 -1.94
CA SER F 94 -38.07 -16.49 -1.93
C SER F 94 -39.35 -16.58 -1.09
N PHE F 95 -39.56 -17.74 -0.48
CA PHE F 95 -40.72 -17.95 0.40
C PHE F 95 -40.71 -16.98 1.59
N GLY F 96 -39.57 -16.86 2.25
CA GLY F 96 -39.45 -15.92 3.35
C GLY F 96 -39.76 -14.51 2.91
N GLY F 97 -39.21 -14.12 1.76
CA GLY F 97 -39.52 -12.81 1.19
C GLY F 97 -41.01 -12.62 0.95
N ALA F 98 -41.66 -13.62 0.35
CA ALA F 98 -43.08 -13.51 0.08
C ALA F 98 -43.89 -13.39 1.38
N LEU F 99 -43.46 -14.13 2.41
CA LEU F 99 -44.11 -14.04 3.71
C LEU F 99 -43.99 -12.63 4.29
N CYS F 100 -42.82 -12.03 4.14
CA CYS F 100 -42.61 -10.66 4.64
C CYS F 100 -43.50 -9.68 3.89
N VAL F 101 -43.54 -9.81 2.56
CA VAL F 101 -44.39 -8.94 1.76
C VAL F 101 -45.85 -9.10 2.16
N GLU F 102 -46.30 -10.35 2.29
CA GLU F 102 -47.69 -10.63 2.67
C GLU F 102 -48.01 -10.02 4.02
N SER F 103 -47.08 -10.17 4.97
CA SER F 103 -47.28 -9.64 6.30
C SER F 103 -47.44 -8.13 6.32
N VAL F 104 -46.59 -7.42 5.57
CA VAL F 104 -46.71 -5.97 5.51
C VAL F 104 -47.99 -5.56 4.79
N ASP F 105 -48.31 -6.27 3.69
CA ASP F 105 -49.57 -6.05 2.97
C ASP F 105 -50.76 -6.08 3.94
N LYS F 106 -50.73 -7.02 4.87
CA LYS F 106 -51.85 -7.23 5.78
C LYS F 106 -51.69 -6.48 7.11
N GLU F 107 -50.85 -5.46 7.10
CA GLU F 107 -50.64 -4.60 8.28
C GLU F 107 -50.19 -5.39 9.52
N MET F 108 -49.33 -6.38 9.27
CA MET F 108 -48.73 -7.15 10.35
C MET F 108 -47.22 -7.01 10.26
N GLN F 109 -46.74 -5.76 10.27
CA GLN F 109 -45.32 -5.50 10.02
C GLN F 109 -44.41 -6.17 11.04
N VAL F 110 -44.94 -6.41 12.24
CA VAL F 110 -44.17 -7.01 13.31
C VAL F 110 -43.67 -8.41 12.93
N LEU F 111 -44.36 -9.06 11.98
CA LEU F 111 -43.97 -10.40 11.60
C LEU F 111 -42.69 -10.46 10.78
N VAL F 112 -42.30 -9.34 10.18
CA VAL F 112 -41.10 -9.34 9.34
C VAL F 112 -39.88 -9.76 10.17
N SER F 113 -39.75 -9.19 11.37
CA SER F 113 -38.66 -9.57 12.25
C SER F 113 -38.75 -11.01 12.69
N ARG F 114 -39.98 -11.47 12.92
CA ARG F 114 -40.22 -12.83 13.35
C ARG F 114 -39.79 -13.80 12.25
N ILE F 115 -40.19 -13.49 11.02
CA ILE F 115 -39.85 -14.32 9.87
C ILE F 115 -38.33 -14.37 9.67
N ALA F 116 -37.68 -13.22 9.79
CA ALA F 116 -36.22 -13.16 9.62
C ALA F 116 -35.54 -14.09 10.64
N ALA F 117 -36.02 -14.03 11.87
CA ALA F 117 -35.47 -14.88 12.92
C ALA F 117 -35.75 -16.36 12.63
N TRP F 118 -36.95 -16.66 12.13
CA TRP F 118 -37.28 -18.02 11.71
C TRP F 118 -36.31 -18.54 10.65
N MET F 119 -36.02 -17.70 9.65
CA MET F 119 -35.16 -18.12 8.56
C MET F 119 -33.73 -18.42 9.03
N ALA F 120 -33.20 -17.55 9.88
CA ALA F 120 -31.86 -17.74 10.41
C ALA F 120 -31.79 -19.06 11.21
N THR F 121 -32.81 -19.31 12.01
CA THR F 121 -32.86 -20.55 12.79
C THR F 121 -32.92 -21.77 11.90
N TYR F 122 -33.76 -21.71 10.86
CA TYR F 122 -33.88 -22.85 9.98
C TYR F 122 -32.55 -23.11 9.24
N LEU F 123 -31.93 -22.04 8.75
CA LEU F 123 -30.64 -22.14 8.08
C LEU F 123 -29.65 -22.83 9.02
N ASN F 124 -29.57 -22.35 10.25
CA ASN F 124 -28.62 -22.88 11.22
C ASN F 124 -28.87 -24.35 11.54
N ASP F 125 -30.13 -24.68 11.75
CA ASP F 125 -30.53 -25.99 12.26
C ASP F 125 -30.56 -27.05 11.17
N HIS F 126 -30.94 -26.63 9.96
CA HIS F 126 -31.27 -27.59 8.90
C HIS F 126 -30.41 -27.50 7.66
N LEU F 127 -29.82 -26.34 7.40
CA LEU F 127 -29.19 -26.14 6.09
C LEU F 127 -27.66 -25.94 6.09
N GLU F 128 -27.11 -25.40 7.18
CA GLU F 128 -25.69 -25.06 7.16
C GLU F 128 -24.77 -26.27 6.87
N PRO F 129 -25.07 -27.47 7.40
CA PRO F 129 -24.20 -28.59 7.02
C PRO F 129 -24.19 -28.89 5.52
N TRP F 130 -25.36 -28.87 4.88
CA TRP F 130 -25.44 -29.13 3.44
C TRP F 130 -24.67 -28.05 2.68
N ILE F 131 -24.87 -26.80 3.08
CA ILE F 131 -24.23 -25.68 2.39
C ILE F 131 -22.73 -25.87 2.46
N GLN F 132 -22.27 -26.28 3.62
CA GLN F 132 -20.84 -26.48 3.85
C GLN F 132 -20.28 -27.67 3.07
N GLU F 133 -21.07 -28.74 2.92
CA GLU F 133 -20.62 -29.95 2.25
C GLU F 133 -20.56 -29.76 0.74
N ASN F 134 -21.31 -28.77 0.27
CA ASN F 134 -21.44 -28.57 -1.17
C ASN F 134 -20.75 -27.33 -1.71
N GLY F 135 -19.70 -26.89 -1.02
CA GLY F 135 -18.83 -25.86 -1.53
C GLY F 135 -19.07 -24.47 -0.97
N GLY F 136 -20.05 -24.35 -0.08
CA GLY F 136 -20.35 -23.07 0.54
C GLY F 136 -20.97 -22.09 -0.42
N TRP F 137 -21.25 -20.89 0.08
CA TRP F 137 -21.87 -19.85 -0.74
C TRP F 137 -20.96 -19.43 -1.89
N ASP F 138 -19.65 -19.62 -1.73
CA ASP F 138 -18.73 -19.32 -2.83
C ASP F 138 -19.08 -20.16 -4.06
N THR F 139 -19.46 -21.41 -3.81
CA THR F 139 -19.83 -22.33 -4.88
C THR F 139 -21.20 -21.96 -5.47
N PHE F 140 -22.10 -21.49 -4.61
CA PHE F 140 -23.38 -20.99 -5.08
C PHE F 140 -23.14 -19.90 -6.10
N VAL F 141 -22.22 -19.00 -5.76
CA VAL F 141 -21.88 -17.89 -6.63
C VAL F 141 -21.29 -18.39 -7.95
N GLU F 142 -20.41 -19.38 -7.91
CA GLU F 142 -19.83 -19.84 -9.18
C GLU F 142 -20.91 -20.54 -10.02
N LEU F 143 -21.88 -21.17 -9.37
CA LEU F 143 -22.94 -21.91 -10.07
C LEU F 143 -24.12 -21.03 -10.50
N TYR F 144 -24.44 -20.01 -9.70
CA TYR F 144 -25.63 -19.20 -9.92
C TYR F 144 -25.34 -17.73 -10.21
N GLY F 145 -24.11 -17.30 -10.00
CA GLY F 145 -23.80 -15.89 -10.21
C GLY F 145 -23.60 -15.57 -11.67
N ASN F 146 -23.68 -14.30 -11.99
CA ASN F 146 -23.48 -13.86 -13.34
C ASN F 146 -22.17 -13.13 -13.49
N ASN F 147 -21.48 -12.96 -12.36
CA ASN F 147 -20.17 -12.35 -12.28
C ASN F 147 -20.21 -10.85 -12.26
N SER G 5 10.98 2.92 -11.02
CA SER G 5 10.42 2.28 -9.84
C SER G 5 11.51 1.86 -8.85
N MET G 6 11.07 1.43 -7.66
CA MET G 6 12.01 0.95 -6.67
C MET G 6 12.42 -0.46 -7.05
N SER G 7 11.43 -1.21 -7.52
CA SER G 7 11.60 -2.59 -7.98
C SER G 7 12.69 -2.73 -9.03
N GLN G 8 12.71 -1.80 -9.99
CA GLN G 8 13.73 -1.86 -11.04
C GLN G 8 15.08 -1.64 -10.38
N SER G 9 15.09 -0.82 -9.34
CA SER G 9 16.29 -0.55 -8.55
C SER G 9 16.45 -1.42 -7.28
N ASN G 10 15.81 -2.60 -7.24
CA ASN G 10 16.01 -3.51 -6.10
C ASN G 10 17.45 -3.94 -6.06
N ARG G 11 18.05 -4.06 -7.23
CA ARG G 11 19.47 -4.37 -7.31
C ARG G 11 20.24 -3.29 -6.57
N GLU G 12 19.84 -2.03 -6.74
CA GLU G 12 20.51 -0.93 -6.04
C GLU G 12 20.47 -1.09 -4.52
N LEU G 13 19.35 -1.55 -3.98
CA LEU G 13 19.27 -1.81 -2.53
C LEU G 13 20.22 -2.93 -2.15
N VAL G 14 20.21 -3.98 -2.96
CA VAL G 14 21.07 -5.13 -2.72
C VAL G 14 22.55 -4.71 -2.68
N VAL G 15 22.98 -3.94 -3.67
CA VAL G 15 24.40 -3.57 -3.73
C VAL G 15 24.79 -2.67 -2.54
N ASP G 16 23.91 -1.74 -2.19
CA ASP G 16 24.20 -0.85 -1.08
C ASP G 16 24.34 -1.64 0.21
N PHE G 17 23.43 -2.58 0.44
CA PHE G 17 23.45 -3.36 1.66
C PHE G 17 24.69 -4.23 1.76
N LEU G 18 25.00 -4.92 0.66
CA LEU G 18 26.17 -5.79 0.63
C LEU G 18 27.44 -4.99 0.81
N SER G 19 27.49 -3.79 0.22
CA SER G 19 28.67 -2.92 0.37
C SER G 19 28.91 -2.55 1.83
N TYR G 20 27.81 -2.25 2.52
CA TYR G 20 27.86 -1.87 3.92
C TYR G 20 28.35 -3.03 4.80
N LYS G 21 27.76 -4.22 4.61
CA LYS G 21 28.16 -5.39 5.40
C LYS G 21 29.60 -5.78 5.15
N LEU G 22 30.04 -5.68 3.90
CA LEU G 22 31.42 -5.97 3.60
C LEU G 22 32.35 -4.99 4.30
N SER G 23 32.00 -3.70 4.28
CA SER G 23 32.86 -2.67 4.83
C SER G 23 33.02 -2.85 6.34
N GLN G 24 31.97 -3.36 6.98
CA GLN G 24 31.97 -3.61 8.41
C GLN G 24 33.02 -4.65 8.82
N LYS G 25 33.36 -5.53 7.88
CA LYS G 25 34.37 -6.56 8.15
C LYS G 25 35.74 -6.22 7.55
N GLY G 26 35.90 -4.98 7.10
CA GLY G 26 37.17 -4.53 6.54
C GLY G 26 37.34 -4.94 5.10
N TYR G 27 36.24 -5.38 4.49
CA TYR G 27 36.23 -5.77 3.08
C TYR G 27 35.59 -4.68 2.23
N SER G 28 35.68 -4.82 0.92
CA SER G 28 35.11 -3.84 0.00
C SER G 28 34.29 -4.51 -1.11
N TRP G 29 33.07 -4.01 -1.33
CA TRP G 29 32.32 -4.40 -2.51
C TRP G 29 33.13 -4.09 -3.74
N SER G 30 33.63 -2.86 -3.80
CA SER G 30 34.45 -2.39 -4.91
C SER G 30 35.56 -1.49 -4.38
N GLN G 31 36.55 -1.17 -5.21
CA GLN G 31 37.58 -0.24 -4.76
C GLN G 31 36.92 1.12 -4.58
N MET G 32 35.88 1.39 -5.36
CA MET G 32 35.14 2.63 -5.21
C MET G 32 34.32 2.65 -3.92
N ALA G 33 33.85 1.48 -3.50
CA ALA G 33 33.09 1.38 -2.27
C ALA G 33 34.03 1.73 -1.12
N ALA G 34 35.28 1.31 -1.26
CA ALA G 34 36.32 1.59 -0.28
C ALA G 34 36.60 3.08 -0.18
N VAL G 35 36.67 3.76 -1.33
CA VAL G 35 36.93 5.20 -1.33
C VAL G 35 35.79 5.96 -0.65
N LYS G 36 34.54 5.61 -1.00
CA LYS G 36 33.38 6.25 -0.41
C LYS G 36 33.40 6.15 1.11
N GLN G 37 33.69 4.94 1.61
CA GLN G 37 33.69 4.70 3.05
C GLN G 37 34.81 5.47 3.74
N ALA G 38 35.98 5.49 3.11
CA ALA G 38 37.13 6.21 3.64
C ALA G 38 36.84 7.70 3.75
N LEU G 39 36.14 8.23 2.74
CA LEU G 39 35.81 9.64 2.69
C LEU G 39 34.75 10.00 3.73
N ARG G 40 33.74 9.15 3.87
CA ARG G 40 32.71 9.36 4.90
C ARG G 40 33.36 9.50 6.27
N GLU G 41 34.26 8.57 6.59
CA GLU G 41 34.91 8.56 7.89
C GLU G 41 35.84 9.76 8.07
N ALA G 42 36.53 10.16 7.01
CA ALA G 42 37.43 11.30 7.10
C ALA G 42 36.64 12.58 7.35
N GLY G 43 35.49 12.70 6.68
CA GLY G 43 34.60 13.83 6.90
C GLY G 43 34.15 13.95 8.35
N ASP G 44 33.76 12.83 8.94
CA ASP G 44 33.35 12.80 10.36
C ASP G 44 34.47 13.29 11.28
N GLU G 45 35.69 12.85 11.02
CA GLU G 45 36.86 13.23 11.82
C GLU G 45 37.13 14.72 11.69
N PHE G 46 37.04 15.25 10.46
CA PHE G 46 37.25 16.66 10.23
C PHE G 46 36.26 17.54 11.00
N GLU G 47 35.00 17.18 10.92
CA GLU G 47 33.95 17.95 11.57
C GLU G 47 34.06 17.88 13.09
N LEU G 48 34.45 16.72 13.60
CA LEU G 48 34.52 16.53 15.04
C LEU G 48 35.71 17.24 15.69
N ARG G 49 36.85 17.32 14.99
CA ARG G 49 38.05 17.79 15.67
C ARG G 49 38.79 18.96 14.99
N TYR G 50 38.54 19.24 13.70
CA TYR G 50 39.36 20.23 13.02
C TYR G 50 38.61 21.42 12.42
N ARG G 51 37.38 21.22 11.96
CA ARG G 51 36.63 22.27 11.26
C ARG G 51 36.58 23.60 12.01
N ARG G 52 36.32 23.51 13.29
CA ARG G 52 36.14 24.66 14.18
C ARG G 52 37.33 25.63 14.21
N ALA G 53 38.51 25.16 13.83
CA ALA G 53 39.71 25.98 13.86
C ALA G 53 39.76 26.95 12.66
N PHE G 54 38.92 26.68 11.66
CA PHE G 54 39.00 27.39 10.39
C PHE G 54 37.79 28.31 10.18
N SER G 55 37.94 29.27 9.27
CA SER G 55 36.84 30.14 8.87
C SER G 55 35.61 29.34 8.42
N ASP G 56 34.44 29.70 8.92
CA ASP G 56 33.21 29.02 8.52
C ASP G 56 32.83 29.44 7.10
N LEU G 57 33.06 28.56 6.14
CA LEU G 57 32.81 28.90 4.74
C LEU G 57 31.31 29.09 4.44
N THR G 58 30.44 28.48 5.26
CA THR G 58 29.00 28.64 5.07
C THR G 58 28.49 30.06 5.39
N SER G 59 29.15 30.74 6.31
CA SER G 59 28.79 32.12 6.62
C SER G 59 29.18 33.08 5.49
N GLN G 60 30.25 32.76 4.77
CA GLN G 60 30.74 33.59 3.66
C GLN G 60 29.94 33.44 2.37
N LEU G 61 29.16 32.37 2.24
CA LEU G 61 28.47 32.14 0.98
C LEU G 61 27.02 32.55 1.11
N HIS G 62 26.53 32.57 2.35
CA HIS G 62 25.13 32.84 2.71
C HIS G 62 24.23 32.36 1.59
N ILE G 63 24.07 31.04 1.48
CA ILE G 63 23.45 30.49 0.29
C ILE G 63 21.97 30.89 0.19
N THR G 64 21.57 31.26 -1.02
CA THR G 64 20.19 31.62 -1.33
C THR G 64 19.88 30.97 -2.67
N PRO G 65 18.60 30.98 -3.09
CA PRO G 65 18.30 30.45 -4.43
C PRO G 65 18.99 31.23 -5.58
N GLY G 66 19.52 32.40 -5.26
CA GLY G 66 20.20 33.22 -6.27
C GLY G 66 21.68 32.90 -6.39
N THR G 67 22.19 32.05 -5.50
CA THR G 67 23.62 31.71 -5.50
C THR G 67 24.01 30.88 -6.74
N ALA G 68 25.06 31.32 -7.42
CA ALA G 68 25.57 30.62 -8.59
C ALA G 68 26.95 30.06 -8.33
N TYR G 69 27.43 29.21 -9.25
CA TYR G 69 28.74 28.56 -9.10
C TYR G 69 29.85 29.56 -8.79
N GLN G 70 29.78 30.73 -9.41
CA GLN G 70 30.82 31.76 -9.27
C GLN G 70 31.08 32.12 -7.80
N SER G 71 29.99 32.20 -7.03
CA SER G 71 30.06 32.53 -5.60
C SER G 71 30.67 31.40 -4.80
N PHE G 72 30.20 30.19 -5.11
CA PHE G 72 30.71 28.98 -4.49
C PHE G 72 32.21 28.83 -4.76
N GLU G 73 32.61 29.01 -6.02
CA GLU G 73 34.00 28.83 -6.41
C GLU G 73 34.94 29.80 -5.67
N GLN G 74 34.57 31.08 -5.60
CA GLN G 74 35.40 32.06 -4.91
C GLN G 74 35.43 31.79 -3.40
N VAL G 75 34.32 31.37 -2.83
CA VAL G 75 34.33 31.06 -1.40
C VAL G 75 35.20 29.82 -1.16
N VAL G 76 35.06 28.79 -1.99
CA VAL G 76 35.86 27.59 -1.84
C VAL G 76 37.35 27.86 -2.13
N ASN G 77 37.63 28.80 -3.02
CA ASN G 77 39.00 29.20 -3.30
C ASN G 77 39.71 29.66 -2.01
N GLU G 78 38.96 30.15 -1.02
CA GLU G 78 39.55 30.58 0.24
C GLU G 78 40.15 29.37 0.95
N LEU G 79 39.46 28.24 0.87
CA LEU G 79 39.92 26.94 1.40
C LEU G 79 41.25 26.45 0.79
N PHE G 80 41.41 26.63 -0.52
CA PHE G 80 42.57 26.08 -1.22
C PHE G 80 43.59 27.16 -1.57
N ARG G 81 43.49 28.27 -0.84
CA ARG G 81 44.37 29.43 -1.02
C ARG G 81 45.86 29.11 -1.06
N ASP G 82 46.29 28.21 -0.18
CA ASP G 82 47.69 27.86 -0.05
C ASP G 82 48.05 26.53 -0.68
N GLY G 83 47.16 26.02 -1.51
CA GLY G 83 47.42 24.77 -2.18
C GLY G 83 46.44 23.67 -1.80
N VAL G 84 46.52 22.57 -2.53
CA VAL G 84 45.67 21.41 -2.30
C VAL G 84 46.38 20.38 -1.44
N ASN G 85 45.65 19.78 -0.50
CA ASN G 85 46.10 18.54 0.14
C ASN G 85 44.87 17.71 0.48
N TRP G 86 45.08 16.47 0.94
CA TRP G 86 43.95 15.57 1.18
C TRP G 86 43.03 16.09 2.28
N GLY G 87 43.62 16.70 3.30
CA GLY G 87 42.84 17.26 4.39
C GLY G 87 41.88 18.35 3.94
N ARG G 88 42.33 19.22 3.04
CA ARG G 88 41.48 20.29 2.54
C ARG G 88 40.41 19.78 1.58
N ILE G 89 40.73 18.69 0.87
CA ILE G 89 39.73 18.04 0.02
C ILE G 89 38.63 17.48 0.91
N VAL G 90 39.02 16.90 2.04
CA VAL G 90 38.05 16.44 3.03
C VAL G 90 37.20 17.59 3.54
N ALA G 91 37.86 18.71 3.86
CA ALA G 91 37.17 19.92 4.29
C ALA G 91 36.18 20.39 3.22
N PHE G 92 36.61 20.29 1.96
CA PHE G 92 35.77 20.64 0.80
C PHE G 92 34.49 19.81 0.73
N PHE G 93 34.61 18.48 0.88
CA PHE G 93 33.44 17.63 0.88
C PHE G 93 32.54 17.95 2.07
N SER G 94 33.16 18.11 3.23
CA SER G 94 32.43 18.46 4.44
C SER G 94 31.65 19.76 4.27
N PHE G 95 32.28 20.74 3.61
CA PHE G 95 31.64 22.01 3.32
C PHE G 95 30.40 21.80 2.44
N GLY G 96 30.56 21.01 1.39
CA GLY G 96 29.48 20.69 0.47
C GLY G 96 28.31 20.08 1.21
N GLY G 97 28.63 19.19 2.14
CA GLY G 97 27.63 18.57 3.00
C GLY G 97 26.85 19.56 3.84
N ALA G 98 27.56 20.51 4.46
CA ALA G 98 26.93 21.49 5.31
C ALA G 98 25.98 22.38 4.51
N LEU G 99 26.38 22.71 3.28
CA LEU G 99 25.54 23.51 2.40
C LEU G 99 24.24 22.77 2.08
N CYS G 100 24.35 21.46 1.86
CA CYS G 100 23.19 20.65 1.59
C CYS G 100 22.25 20.61 2.80
N VAL G 101 22.82 20.40 3.98
CA VAL G 101 22.03 20.39 5.20
C VAL G 101 21.33 21.74 5.42
N GLU G 102 22.11 22.81 5.30
CA GLU G 102 21.59 24.16 5.46
C GLU G 102 20.48 24.47 4.46
N SER G 103 20.66 24.04 3.21
CA SER G 103 19.66 24.27 2.16
C SER G 103 18.32 23.63 2.53
N VAL G 104 18.38 22.38 3.01
CA VAL G 104 17.17 21.66 3.41
C VAL G 104 16.53 22.31 4.64
N ASP G 105 17.37 22.70 5.60
CA ASP G 105 16.92 23.43 6.80
C ASP G 105 16.07 24.65 6.46
N LYS G 106 16.50 25.38 5.44
CA LYS G 106 15.83 26.63 5.07
C LYS G 106 14.79 26.42 3.97
N GLU G 107 14.31 25.19 3.80
CA GLU G 107 13.29 24.86 2.80
C GLU G 107 13.73 25.26 1.38
N MET G 108 15.02 25.08 1.08
CA MET G 108 15.56 25.31 -0.28
C MET G 108 16.22 24.04 -0.81
N GLN G 109 15.46 22.95 -0.82
CA GLN G 109 15.98 21.61 -1.11
C GLN G 109 16.53 21.52 -2.52
N VAL G 110 16.00 22.35 -3.42
CA VAL G 110 16.39 22.35 -4.82
C VAL G 110 17.86 22.68 -5.00
N LEU G 111 18.44 23.35 -4.01
CA LEU G 111 19.84 23.75 -4.09
C LEU G 111 20.78 22.55 -3.95
N VAL G 112 20.28 21.46 -3.40
CA VAL G 112 21.11 20.28 -3.20
C VAL G 112 21.68 19.78 -4.53
N SER G 113 20.84 19.70 -5.56
CA SER G 113 21.33 19.26 -6.86
C SER G 113 22.32 20.29 -7.42
N ARG G 114 22.06 21.56 -7.14
CA ARG G 114 22.95 22.62 -7.60
C ARG G 114 24.32 22.50 -6.92
N ILE G 115 24.30 22.28 -5.62
CA ILE G 115 25.53 22.14 -4.85
C ILE G 115 26.34 20.96 -5.36
N ALA G 116 25.67 19.84 -5.64
CA ALA G 116 26.36 18.65 -6.14
C ALA G 116 27.10 18.93 -7.45
N ALA G 117 26.43 19.66 -8.35
CA ALA G 117 27.03 20.03 -9.63
C ALA G 117 28.23 20.97 -9.41
N TRP G 118 28.09 21.89 -8.46
CA TRP G 118 29.19 22.79 -8.11
C TRP G 118 30.43 21.99 -7.73
N MET G 119 30.22 20.98 -6.89
CA MET G 119 31.32 20.17 -6.41
C MET G 119 31.99 19.41 -7.56
N ALA G 120 31.20 18.87 -8.48
CA ALA G 120 31.76 18.15 -9.62
C ALA G 120 32.67 19.04 -10.46
N THR G 121 32.22 20.26 -10.71
CA THR G 121 32.98 21.23 -11.51
C THR G 121 34.26 21.66 -10.79
N TYR G 122 34.13 21.95 -9.50
CA TYR G 122 35.28 22.39 -8.73
C TYR G 122 36.32 21.28 -8.67
N LEU G 123 35.85 20.05 -8.43
CA LEU G 123 36.72 18.88 -8.47
C LEU G 123 37.45 18.78 -9.81
N ASN G 124 36.70 18.82 -10.92
CA ASN G 124 37.33 18.68 -12.23
C ASN G 124 38.33 19.80 -12.53
N ASP G 125 37.97 21.04 -12.19
CA ASP G 125 38.78 22.21 -12.54
C ASP G 125 39.97 22.51 -11.60
N HIS G 126 39.78 22.25 -10.30
CA HIS G 126 40.71 22.72 -9.27
C HIS G 126 41.44 21.62 -8.51
N LEU G 127 40.82 20.45 -8.41
CA LEU G 127 41.34 19.45 -7.49
C LEU G 127 41.84 18.21 -8.21
N GLU G 128 41.23 17.87 -9.32
CA GLU G 128 41.58 16.59 -9.94
C GLU G 128 42.99 16.40 -10.50
N PRO G 129 43.57 17.44 -11.14
CA PRO G 129 44.96 17.24 -11.57
C PRO G 129 45.84 16.89 -10.37
N TRP G 130 45.63 17.57 -9.26
CA TRP G 130 46.38 17.30 -8.05
C TRP G 130 46.12 15.86 -7.59
N ILE G 131 44.87 15.42 -7.66
CA ILE G 131 44.52 14.07 -7.21
C ILE G 131 45.25 12.95 -7.96
N GLN G 132 45.31 12.99 -9.29
CA GLN G 132 46.01 11.93 -10.01
C GLN G 132 47.55 12.05 -9.88
N GLU G 133 48.06 13.27 -9.69
CA GLU G 133 49.49 13.44 -9.53
C GLU G 133 49.95 13.00 -8.13
N ASN G 134 49.01 12.90 -7.18
CA ASN G 134 49.36 12.54 -5.82
C ASN G 134 48.86 11.15 -5.43
N GLY G 135 48.69 10.29 -6.43
CA GLY G 135 48.41 8.88 -6.20
C GLY G 135 46.96 8.45 -6.33
N GLY G 136 46.09 9.40 -6.68
CA GLY G 136 44.68 9.10 -6.87
C GLY G 136 43.95 8.81 -5.58
N TRP G 137 42.67 8.50 -5.68
CA TRP G 137 41.87 8.20 -4.49
C TRP G 137 42.35 6.95 -3.80
N ASP G 138 43.04 6.08 -4.54
CA ASP G 138 43.64 4.89 -3.94
C ASP G 138 44.62 5.32 -2.85
N THR G 139 45.33 6.41 -3.10
CA THR G 139 46.29 6.96 -2.14
C THR G 139 45.62 7.63 -0.94
N PHE G 140 44.50 8.30 -1.17
CA PHE G 140 43.73 8.83 -0.07
C PHE G 140 43.30 7.73 0.89
N VAL G 141 42.81 6.63 0.33
CA VAL G 141 42.32 5.50 1.13
C VAL G 141 43.41 4.85 1.98
N GLU G 142 44.59 4.66 1.43
CA GLU G 142 45.71 4.07 2.18
C GLU G 142 46.16 5.02 3.29
N LEU G 143 45.99 6.32 3.08
CA LEU G 143 46.40 7.31 4.08
C LEU G 143 45.33 7.61 5.13
N TYR G 144 44.06 7.58 4.73
CA TYR G 144 42.98 8.04 5.60
C TYR G 144 42.01 6.91 6.00
N GLY G 145 42.19 5.74 5.40
CA GLY G 145 41.37 4.59 5.72
C GLY G 145 41.86 3.88 6.98
N GLY H 4 35.09 9.55 -19.74
CA GLY H 4 36.03 9.62 -18.64
C GLY H 4 35.48 8.96 -17.40
N SER H 5 36.09 7.84 -17.02
CA SER H 5 35.61 6.98 -15.95
C SER H 5 35.96 7.57 -14.58
N MET H 6 36.75 8.65 -14.63
CA MET H 6 37.05 9.46 -13.45
C MET H 6 35.88 10.38 -13.08
N SER H 7 35.24 10.93 -14.11
CA SER H 7 34.06 11.76 -13.98
C SER H 7 32.99 11.02 -13.20
N GLN H 8 32.83 9.76 -13.56
CA GLN H 8 31.83 8.89 -12.94
C GLN H 8 32.24 8.61 -11.49
N SER H 9 33.54 8.60 -11.20
CA SER H 9 33.98 8.27 -9.85
C SER H 9 33.84 9.43 -8.87
N ASN H 10 34.10 10.65 -9.34
CA ASN H 10 33.88 11.83 -8.52
C ASN H 10 32.38 12.02 -8.30
N ARG H 11 31.60 11.69 -9.31
CA ARG H 11 30.15 11.74 -9.19
C ARG H 11 29.61 10.79 -8.12
N GLU H 12 30.05 9.54 -8.17
CA GLU H 12 29.63 8.57 -7.17
C GLU H 12 30.04 9.02 -5.78
N LEU H 13 31.24 9.58 -5.66
CA LEU H 13 31.75 10.06 -4.38
C LEU H 13 30.95 11.23 -3.81
N VAL H 14 30.68 12.24 -4.62
CA VAL H 14 29.91 13.39 -4.16
C VAL H 14 28.52 12.96 -3.67
N VAL H 15 27.83 12.19 -4.50
CA VAL H 15 26.47 11.77 -4.19
C VAL H 15 26.46 10.93 -2.92
N ASP H 16 27.44 10.04 -2.79
CA ASP H 16 27.51 9.21 -1.61
C ASP H 16 27.76 10.03 -0.34
N PHE H 17 28.72 10.96 -0.43
CA PHE H 17 29.10 11.76 0.73
C PHE H 17 27.97 12.69 1.17
N LEU H 18 27.36 13.37 0.21
CA LEU H 18 26.26 14.28 0.52
C LEU H 18 25.08 13.50 1.11
N SER H 19 24.80 12.31 0.57
CA SER H 19 23.73 11.47 1.10
C SER H 19 24.01 11.15 2.57
N TYR H 20 25.28 10.85 2.86
CA TYR H 20 25.70 10.49 4.20
C TYR H 20 25.48 11.66 5.17
N LYS H 21 25.95 12.84 4.79
CA LYS H 21 25.83 14.03 5.63
C LYS H 21 24.37 14.42 5.85
N LEU H 22 23.56 14.28 4.80
CA LEU H 22 22.13 14.54 4.93
C LEU H 22 21.49 13.59 5.92
N SER H 23 21.88 12.33 5.84
CA SER H 23 21.28 11.30 6.68
C SER H 23 21.59 11.52 8.15
N GLN H 24 22.76 12.07 8.43
CA GLN H 24 23.17 12.38 9.80
C GLN H 24 22.32 13.44 10.45
N LYS H 25 21.69 14.28 9.63
CA LYS H 25 20.82 15.34 10.15
C LYS H 25 19.34 14.99 10.04
N GLY H 26 19.05 13.72 9.74
CA GLY H 26 17.68 13.28 9.63
C GLY H 26 17.06 13.61 8.28
N TYR H 27 17.89 13.96 7.31
CA TYR H 27 17.44 14.22 5.96
C TYR H 27 17.82 13.05 5.05
N SER H 28 17.28 13.04 3.84
CA SER H 28 17.58 12.00 2.88
C SER H 28 17.86 12.65 1.54
N TRP H 29 18.95 12.24 0.91
CA TRP H 29 19.26 12.66 -0.45
C TRP H 29 18.09 12.36 -1.39
N SER H 30 17.58 11.13 -1.29
CA SER H 30 16.47 10.65 -2.09
C SER H 30 15.61 9.66 -1.31
N GLN H 31 14.48 9.28 -1.91
CA GLN H 31 13.64 8.24 -1.34
C GLN H 31 14.44 6.94 -1.27
N MET H 32 15.26 6.70 -2.30
CA MET H 32 16.10 5.51 -2.33
C MET H 32 17.17 5.54 -1.26
N ALA H 33 17.71 6.73 -0.97
CA ALA H 33 18.75 6.86 0.06
C ALA H 33 18.16 6.52 1.43
N ALA H 34 16.92 6.95 1.65
CA ALA H 34 16.23 6.68 2.90
C ALA H 34 15.98 5.19 3.11
N VAL H 35 15.58 4.50 2.05
CA VAL H 35 15.35 3.06 2.13
C VAL H 35 16.66 2.32 2.41
N LYS H 36 17.71 2.67 1.67
CA LYS H 36 19.02 2.09 1.89
C LYS H 36 19.44 2.23 3.36
N GLN H 37 19.27 3.42 3.89
CA GLN H 37 19.73 3.68 5.26
C GLN H 37 18.89 2.88 6.27
N ALA H 38 17.57 2.85 6.08
CA ALA H 38 16.72 2.09 6.99
C ALA H 38 17.09 0.60 6.95
N LEU H 39 17.39 0.10 5.76
CA LEU H 39 17.73 -1.30 5.60
C LEU H 39 19.09 -1.60 6.26
N ARG H 40 20.06 -0.72 6.08
CA ARG H 40 21.35 -0.87 6.76
C ARG H 40 21.13 -0.99 8.26
N GLU H 41 20.36 -0.05 8.81
CA GLU H 41 20.14 -0.01 10.25
C GLU H 41 19.37 -1.24 10.72
N ALA H 42 18.41 -1.69 9.92
CA ALA H 42 17.62 -2.87 10.29
C ALA H 42 18.50 -4.12 10.28
N GLY H 43 19.38 -4.21 9.28
CA GLY H 43 20.33 -5.29 9.18
C GLY H 43 21.20 -5.34 10.43
N ASP H 44 21.69 -4.17 10.84
CA ASP H 44 22.48 -4.07 12.07
C ASP H 44 21.72 -4.55 13.29
N GLU H 45 20.48 -4.10 13.42
CA GLU H 45 19.68 -4.46 14.59
C GLU H 45 19.37 -5.96 14.55
N PHE H 46 19.06 -6.49 13.36
CA PHE H 46 18.79 -7.91 13.23
C PHE H 46 20.01 -8.73 13.70
N GLU H 47 21.17 -8.36 13.21
CA GLU H 47 22.38 -9.07 13.56
C GLU H 47 22.72 -8.93 15.03
N LEU H 48 22.44 -7.76 15.62
CA LEU H 48 22.79 -7.53 17.01
C LEU H 48 21.89 -8.29 18.00
N ARG H 49 20.60 -8.40 17.69
CA ARG H 49 19.68 -8.88 18.70
C ARG H 49 18.85 -10.09 18.36
N TYR H 50 18.74 -10.43 17.07
CA TYR H 50 17.79 -11.46 16.69
C TYR H 50 18.38 -12.65 15.93
N ARG H 51 19.41 -12.41 15.13
CA ARG H 51 20.00 -13.44 14.28
C ARG H 51 20.37 -14.73 15.03
N ARG H 52 20.98 -14.56 16.21
CA ARG H 52 21.48 -15.68 17.01
C ARG H 52 20.42 -16.75 17.32
N ALA H 53 19.16 -16.37 17.32
CA ALA H 53 18.10 -17.30 17.70
C ALA H 53 17.74 -18.26 16.57
N PHE H 54 18.16 -17.95 15.33
CA PHE H 54 17.64 -18.69 14.18
C PHE H 54 18.65 -19.64 13.56
N SER H 55 18.13 -20.62 12.82
CA SER H 55 18.98 -21.55 12.08
C SER H 55 19.92 -20.78 11.16
N ASP H 56 21.20 -21.12 11.19
CA ASP H 56 22.19 -20.46 10.34
C ASP H 56 22.04 -20.90 8.89
N LEU H 57 21.50 -20.02 8.06
CA LEU H 57 21.25 -20.37 6.67
C LEU H 57 22.54 -20.52 5.86
N THR H 58 23.63 -19.90 6.32
CA THR H 58 24.89 -20.04 5.58
C THR H 58 25.39 -21.47 5.72
N SER H 59 25.07 -22.11 6.83
CA SER H 59 25.41 -23.50 7.04
C SER H 59 24.57 -24.40 6.13
N GLN H 60 23.34 -23.98 5.85
CA GLN H 60 22.46 -24.79 5.03
C GLN H 60 22.83 -24.71 3.55
N LEU H 61 23.53 -23.64 3.17
CA LEU H 61 23.81 -23.44 1.76
C LEU H 61 25.21 -23.90 1.42
N HIS H 62 26.15 -23.66 2.34
CA HIS H 62 27.57 -23.95 2.18
C HIS H 62 28.04 -23.64 0.75
N ILE H 63 28.10 -22.35 0.46
CA ILE H 63 28.30 -21.86 -0.89
C ILE H 63 29.70 -22.16 -1.43
N THR H 64 29.75 -22.59 -2.68
CA THR H 64 30.99 -22.86 -3.40
C THR H 64 30.83 -22.31 -4.82
N PRO H 65 31.91 -22.27 -5.62
CA PRO H 65 31.75 -21.84 -7.01
C PRO H 65 30.79 -22.74 -7.82
N GLY H 66 30.51 -23.93 -7.31
CA GLY H 66 29.60 -24.84 -7.99
C GLY H 66 28.16 -24.64 -7.57
N THR H 67 27.94 -23.82 -6.56
CA THR H 67 26.58 -23.60 -6.06
C THR H 67 25.75 -22.89 -7.12
N ALA H 68 24.53 -23.35 -7.35
CA ALA H 68 23.69 -22.70 -8.36
C ALA H 68 22.54 -21.93 -7.70
N TYR H 69 21.91 -21.05 -8.47
CA TYR H 69 20.82 -20.23 -7.96
C TYR H 69 19.74 -21.05 -7.26
N GLN H 70 19.41 -22.19 -7.84
CA GLN H 70 18.34 -23.03 -7.31
C GLN H 70 18.57 -23.41 -5.86
N SER H 71 19.83 -23.67 -5.50
CA SER H 71 20.17 -24.04 -4.11
C SER H 71 19.99 -22.85 -3.19
N PHE H 72 20.43 -21.69 -3.67
CA PHE H 72 20.24 -20.43 -2.95
C PHE H 72 18.76 -20.19 -2.71
N GLU H 73 17.97 -20.36 -3.76
CA GLU H 73 16.52 -20.17 -3.67
C GLU H 73 15.91 -21.10 -2.63
N GLN H 74 16.34 -22.35 -2.63
CA GLN H 74 15.79 -23.34 -1.71
C GLN H 74 16.08 -22.96 -0.27
N VAL H 75 17.30 -22.48 -0.02
CA VAL H 75 17.67 -22.11 1.35
C VAL H 75 16.94 -20.85 1.79
N VAL H 76 16.87 -19.86 0.91
CA VAL H 76 16.18 -18.62 1.25
C VAL H 76 14.70 -18.88 1.48
N ASN H 77 14.14 -19.86 0.77
CA ASN H 77 12.74 -20.24 0.98
C ASN H 77 12.43 -20.59 2.46
N GLU H 78 13.44 -21.04 3.19
CA GLU H 78 13.26 -21.38 4.62
C GLU H 78 12.84 -20.18 5.43
N LEU H 79 13.37 -19.02 5.08
CA LEU H 79 13.01 -17.77 5.75
C LEU H 79 11.51 -17.50 5.67
N PHE H 80 10.93 -17.85 4.53
CA PHE H 80 9.56 -17.43 4.27
C PHE H 80 8.54 -18.56 4.30
N ARG H 81 8.93 -19.71 4.86
CA ARG H 81 8.04 -20.86 4.91
C ARG H 81 6.69 -20.53 5.56
N ASP H 82 6.71 -19.71 6.61
CA ASP H 82 5.49 -19.35 7.32
C ASP H 82 4.97 -17.99 6.88
N GLY H 83 5.44 -17.52 5.74
CA GLY H 83 4.94 -16.25 5.21
C GLY H 83 6.00 -15.18 5.18
N VAL H 84 5.71 -14.10 4.46
CA VAL H 84 6.62 -12.97 4.34
C VAL H 84 6.24 -11.90 5.34
N ASN H 85 7.25 -11.30 5.96
CA ASN H 85 7.05 -10.03 6.64
C ASN H 85 8.36 -9.24 6.48
N TRP H 86 8.37 -7.99 6.91
CA TRP H 86 9.55 -7.16 6.68
C TRP H 86 10.77 -7.70 7.46
N GLY H 87 10.55 -8.17 8.68
CA GLY H 87 11.68 -8.68 9.45
C GLY H 87 12.39 -9.81 8.72
N ARG H 88 11.62 -10.67 8.07
CA ARG H 88 12.21 -11.81 7.37
C ARG H 88 12.91 -11.31 6.10
N ILE H 89 12.40 -10.23 5.53
CA ILE H 89 13.09 -9.65 4.39
C ILE H 89 14.43 -9.05 4.84
N VAL H 90 14.44 -8.43 6.02
CA VAL H 90 15.70 -7.94 6.58
C VAL H 90 16.65 -9.12 6.78
N ALA H 91 16.14 -10.24 7.30
CA ALA H 91 16.97 -11.42 7.50
C ALA H 91 17.58 -11.91 6.18
N PHE H 92 16.77 -11.86 5.13
CA PHE H 92 17.22 -12.19 3.78
C PHE H 92 18.41 -11.33 3.35
N PHE H 93 18.32 -10.02 3.55
CA PHE H 93 19.46 -9.15 3.20
C PHE H 93 20.67 -9.47 4.07
N SER H 94 20.44 -9.64 5.37
CA SER H 94 21.54 -9.99 6.28
C SER H 94 22.22 -11.29 5.85
N PHE H 95 21.42 -12.26 5.41
CA PHE H 95 21.94 -13.54 4.92
C PHE H 95 22.83 -13.34 3.71
N GLY H 96 22.35 -12.57 2.73
CA GLY H 96 23.16 -12.27 1.55
C GLY H 96 24.46 -11.60 1.94
N GLY H 97 24.40 -10.65 2.89
CA GLY H 97 25.59 -10.01 3.42
C GLY H 97 26.56 -11.01 4.03
N ALA H 98 26.04 -11.93 4.84
CA ALA H 98 26.89 -12.93 5.46
C ALA H 98 27.53 -13.84 4.42
N LEU H 99 26.77 -14.18 3.37
CA LEU H 99 27.31 -15.00 2.29
C LEU H 99 28.46 -14.28 1.58
N CYS H 100 28.31 -12.98 1.35
CA CYS H 100 29.38 -12.21 0.71
C CYS H 100 30.60 -12.16 1.61
N VAL H 101 30.40 -11.92 2.89
CA VAL H 101 31.52 -11.90 3.83
C VAL H 101 32.22 -13.27 3.87
N GLU H 102 31.44 -14.35 3.96
CA GLU H 102 32.01 -15.69 3.96
C GLU H 102 32.79 -15.97 2.69
N SER H 103 32.24 -15.53 1.55
CA SER H 103 32.89 -15.74 0.25
C SER H 103 34.28 -15.10 0.22
N VAL H 104 34.39 -13.89 0.75
CA VAL H 104 35.68 -13.21 0.80
C VAL H 104 36.60 -13.92 1.80
N ASP H 105 36.04 -14.28 2.95
CA ASP H 105 36.77 -15.10 3.95
C ASP H 105 37.36 -16.34 3.31
N LYS H 106 36.60 -16.97 2.41
CA LYS H 106 37.04 -18.23 1.80
C LYS H 106 37.81 -17.98 0.51
N GLU H 107 38.29 -16.74 0.34
CA GLU H 107 39.11 -16.35 -0.81
C GLU H 107 38.37 -16.64 -2.12
N MET H 108 37.05 -16.44 -2.11
CA MET H 108 36.22 -16.57 -3.31
C MET H 108 35.46 -15.29 -3.61
N GLN H 109 36.19 -14.19 -3.80
CA GLN H 109 35.58 -12.88 -3.93
C GLN H 109 34.65 -12.81 -5.15
N VAL H 110 34.87 -13.69 -6.12
CA VAL H 110 34.07 -13.70 -7.34
C VAL H 110 32.59 -14.01 -7.05
N LEU H 111 32.32 -14.70 -5.95
CA LEU H 111 30.95 -15.06 -5.64
C LEU H 111 30.12 -13.88 -5.19
N VAL H 112 30.78 -12.79 -4.79
CA VAL H 112 30.04 -11.64 -4.28
C VAL H 112 29.07 -11.08 -5.33
N SER H 113 29.54 -10.91 -6.55
CA SER H 113 28.67 -10.41 -7.61
C SER H 113 27.56 -11.41 -7.95
N ARG H 114 27.88 -12.70 -7.87
CA ARG H 114 26.89 -13.73 -8.12
C ARG H 114 25.76 -13.70 -7.09
N ILE H 115 26.13 -13.58 -5.82
CA ILE H 115 25.16 -13.51 -4.74
C ILE H 115 24.25 -12.28 -4.92
N ALA H 116 24.85 -11.17 -5.31
CA ALA H 116 24.08 -9.94 -5.50
C ALA H 116 23.01 -10.15 -6.56
N ALA H 117 23.38 -10.77 -7.67
CA ALA H 117 22.42 -11.03 -8.75
C ALA H 117 21.38 -12.03 -8.31
N TRP H 118 21.80 -13.07 -7.59
CA TRP H 118 20.83 -14.02 -7.03
C TRP H 118 19.80 -13.31 -6.13
N MET H 119 20.28 -12.40 -5.29
CA MET H 119 19.37 -11.68 -4.39
C MET H 119 18.37 -10.82 -5.16
N ALA H 120 18.84 -10.13 -6.19
CA ALA H 120 17.93 -9.31 -7.01
C ALA H 120 16.86 -10.20 -7.67
N THR H 121 17.28 -11.35 -8.16
CA THR H 121 16.35 -12.28 -8.81
C THR H 121 15.32 -12.82 -7.80
N TYR H 122 15.79 -13.22 -6.63
CA TYR H 122 14.87 -13.73 -5.62
C TYR H 122 13.90 -12.63 -5.20
N LEU H 123 14.41 -11.44 -4.96
CA LEU H 123 13.54 -10.32 -4.63
C LEU H 123 12.46 -10.09 -5.68
N ASN H 124 12.86 -9.96 -6.95
CA ASN H 124 11.89 -9.69 -7.99
C ASN H 124 10.93 -10.85 -8.23
N ASP H 125 11.42 -12.08 -8.12
CA ASP H 125 10.53 -13.21 -8.39
C ASP H 125 9.59 -13.48 -7.24
N HIS H 126 10.08 -13.33 -6.01
CA HIS H 126 9.33 -13.89 -4.88
C HIS H 126 8.84 -12.91 -3.85
N LEU H 127 9.46 -11.73 -3.77
CA LEU H 127 9.16 -10.79 -2.68
C LEU H 127 8.50 -9.51 -3.15
N GLU H 128 8.82 -9.08 -4.37
CA GLU H 128 8.28 -7.79 -4.84
C GLU H 128 6.75 -7.72 -4.88
N PRO H 129 6.04 -8.81 -5.26
CA PRO H 129 4.57 -8.69 -5.21
C PRO H 129 4.05 -8.44 -3.80
N TRP H 130 4.61 -9.15 -2.83
CA TRP H 130 4.26 -8.94 -1.42
C TRP H 130 4.64 -7.52 -1.02
N ILE H 131 5.83 -7.08 -1.42
CA ILE H 131 6.28 -5.74 -1.08
C ILE H 131 5.28 -4.71 -1.59
N GLN H 132 4.82 -4.85 -2.83
CA GLN H 132 3.92 -3.84 -3.36
C GLN H 132 2.56 -3.92 -2.66
N GLU H 133 2.13 -5.14 -2.33
CA GLU H 133 0.82 -5.29 -1.69
C GLU H 133 0.85 -4.76 -0.26
N ASN H 134 2.05 -4.66 0.30
CA ASN H 134 2.13 -4.25 1.72
C ASN H 134 2.72 -2.88 1.93
N GLY H 135 2.58 -2.04 0.92
CA GLY H 135 2.87 -0.63 1.06
C GLY H 135 4.19 -0.16 0.52
N GLY H 136 4.97 -1.08 -0.06
CA GLY H 136 6.23 -0.77 -0.70
C GLY H 136 7.33 -0.45 0.29
N TRP H 137 8.49 -0.16 -0.25
CA TRP H 137 9.64 0.14 0.60
C TRP H 137 9.47 1.40 1.44
N ASP H 138 8.61 2.34 1.00
CA ASP H 138 8.33 3.51 1.82
C ASP H 138 7.71 3.10 3.14
N THR H 139 6.88 2.05 3.10
CA THR H 139 6.22 1.58 4.34
C THR H 139 7.25 0.87 5.22
N PHE H 140 8.17 0.13 4.61
CA PHE H 140 9.28 -0.44 5.33
C PHE H 140 10.04 0.65 6.09
N VAL H 141 10.32 1.77 5.43
CA VAL H 141 11.06 2.86 6.10
C VAL H 141 10.25 3.37 7.30
N GLU H 142 8.93 3.44 7.17
CA GLU H 142 8.11 3.91 8.29
C GLU H 142 8.17 2.96 9.48
N LEU H 143 8.31 1.67 9.19
CA LEU H 143 8.32 0.65 10.26
C LEU H 143 9.71 0.43 10.86
N TYR H 144 10.74 0.48 10.01
CA TYR H 144 12.09 0.10 10.45
C TYR H 144 13.10 1.24 10.44
N GLY H 145 12.73 2.39 9.89
CA GLY H 145 13.63 3.52 9.82
C GLY H 145 13.80 4.21 11.17
N ASN H 146 14.83 5.06 11.24
CA ASN H 146 15.26 5.75 12.48
C ASN H 146 15.26 4.84 13.71
#